data_2AY8
#
_entry.id   2AY8
#
_cell.length_a   123.780
_cell.length_b   121.320
_cell.length_c   54.920
_cell.angle_alpha   90.00
_cell.angle_beta   90.00
_cell.angle_gamma   90.00
#
_symmetry.space_group_name_H-M   'P 21 21 21'
#
loop_
_entity.id
_entity.type
_entity.pdbx_description
1 polymer 'AROMATIC AMINO ACID AMINOTRANSFERASE'
2 non-polymer "PYRIDOXAL-5'-PHOSPHATE"
3 non-polymer '4-(2-THIENYL)BUTYRIC ACID'
4 water water
#
_entity_poly.entity_id   1
_entity_poly.type   'polypeptide(L)'
_entity_poly.pdbx_seq_one_letter_code
;MLGNLKPQAPDKILALMGEFRADPRQGKIDLGVGVYKDATGHTPIMRAVHAAEQRMLETETTKTYAGLSGEPEFQKAMGE
LILGDGLKSETTATLATVGGTGALRQALELARMANPDLRVFVSDPTWPNHVSIMNFMGLPVQTYRYFDAETRGVDFEGMK
ADLAAAKKGDMVLLHGCCHNPTGANLTLDQWAEIASILEKTGALPLIDLAYQGFGDGLEEDAAGTRLIASRIPEVLIAAS
CSKNFGIYRERTGCLLALCADAATRELAQGAMAFLNRQTYSFPPFHGAKIVSTVLTTPELRADWMAELEAVRSGMLRLRE
QLAGELRDLSGSDRFGFVAEHRGMFSRLGATPEQVKRIKEEFGIYMVGDSRINIAGLNDNTIPILARAIIEVGV
;
_entity_poly.pdbx_strand_id   A,B
#
loop_
_chem_comp.id
_chem_comp.type
_chem_comp.name
_chem_comp.formula
4TB non-polymer '4-(2-THIENYL)BUTYRIC ACID' 'C8 H10 O2 S'
PLP non-polymer PYRIDOXAL-5'-PHOSPHATE 'C8 H10 N O6 P'
#
# COMPACT_ATOMS: atom_id res chain seq x y z
N MET A 1 18.72 -11.15 16.44
CA MET A 1 18.36 -9.71 16.51
C MET A 1 16.85 -9.54 16.66
N LEU A 2 16.09 -10.21 15.81
CA LEU A 2 14.63 -10.11 15.84
C LEU A 2 14.02 -10.49 17.18
N GLY A 3 14.77 -11.24 17.99
CA GLY A 3 14.28 -11.64 19.29
C GLY A 3 14.07 -10.42 20.19
N ASN A 4 14.78 -9.35 19.88
CA ASN A 4 14.69 -8.10 20.63
C ASN A 4 13.42 -7.32 20.32
N LEU A 5 12.61 -7.86 19.42
CA LEU A 5 11.35 -7.25 19.02
C LEU A 5 10.38 -7.25 20.20
N LYS A 6 9.68 -6.13 20.39
CA LYS A 6 8.70 -6.02 21.47
C LYS A 6 7.37 -6.61 20.98
N PRO A 7 6.64 -7.29 21.87
CA PRO A 7 5.34 -7.91 21.54
C PRO A 7 4.31 -6.87 21.15
N GLN A 8 3.82 -6.96 19.91
CA GLN A 8 2.82 -6.02 19.43
C GLN A 8 1.42 -6.59 19.60
N ALA A 9 0.51 -5.77 20.11
CA ALA A 9 -0.86 -6.18 20.34
C ALA A 9 -1.61 -6.48 19.05
N PRO A 10 -2.37 -7.58 19.04
CA PRO A 10 -3.17 -8.04 17.90
C PRO A 10 -4.18 -7.01 17.41
N ASP A 11 -4.89 -7.36 16.34
CA ASP A 11 -5.89 -6.47 15.73
C ASP A 11 -7.18 -6.23 16.51
N LYS A 12 -7.40 -6.98 17.59
CA LYS A 12 -8.61 -6.88 18.42
C LYS A 12 -9.89 -7.37 17.74
N ILE A 13 -10.07 -7.03 16.47
CA ILE A 13 -11.24 -7.47 15.70
C ILE A 13 -11.34 -8.98 15.86
N LEU A 14 -10.17 -9.64 15.82
CA LEU A 14 -10.07 -11.08 15.96
C LEU A 14 -10.62 -11.53 17.30
N ALA A 15 -10.14 -10.92 18.38
CA ALA A 15 -10.60 -11.26 19.73
C ALA A 15 -12.11 -11.18 19.83
N LEU A 16 -12.69 -10.14 19.23
CA LEU A 16 -14.13 -9.98 19.24
C LEU A 16 -14.78 -11.13 18.47
N MET A 17 -14.24 -11.43 17.30
CA MET A 17 -14.74 -12.51 16.45
C MET A 17 -14.53 -13.88 17.07
N GLY A 18 -13.46 -14.03 17.86
CA GLY A 18 -13.16 -15.30 18.49
C GLY A 18 -14.11 -15.57 19.64
N GLU A 19 -14.41 -14.52 20.41
CA GLU A 19 -15.31 -14.62 21.55
C GLU A 19 -16.70 -14.95 21.02
N PHE A 20 -17.11 -14.22 20.00
CA PHE A 20 -18.41 -14.41 19.37
C PHE A 20 -18.53 -15.81 18.79
N ARG A 21 -17.51 -16.25 18.06
CA ARG A 21 -17.51 -17.59 17.45
C ARG A 21 -17.62 -18.70 18.48
N ALA A 22 -16.94 -18.51 19.61
CA ALA A 22 -16.95 -19.49 20.68
C ALA A 22 -18.33 -19.67 21.30
N ASP A 23 -19.13 -18.60 21.26
CA ASP A 23 -20.47 -18.60 21.83
C ASP A 23 -21.38 -19.69 21.24
N PRO A 24 -21.78 -20.66 22.07
CA PRO A 24 -22.66 -21.74 21.61
C PRO A 24 -24.12 -21.34 21.47
N ARG A 25 -24.43 -20.08 21.74
CA ARG A 25 -25.81 -19.62 21.67
C ARG A 25 -26.39 -19.53 20.28
N GLN A 26 -27.46 -20.26 20.08
CA GLN A 26 -28.15 -20.33 18.80
C GLN A 26 -28.65 -18.97 18.34
N GLY A 27 -29.13 -18.15 19.28
CA GLY A 27 -29.66 -16.84 18.92
C GLY A 27 -28.75 -15.64 19.10
N LYS A 28 -27.44 -15.86 19.13
CA LYS A 28 -26.51 -14.75 19.31
C LYS A 28 -26.54 -13.78 18.11
N ILE A 29 -26.30 -12.50 18.41
CA ILE A 29 -26.29 -11.45 17.39
C ILE A 29 -24.94 -10.70 17.43
N ASP A 30 -24.47 -10.26 16.26
CA ASP A 30 -23.19 -9.56 16.19
C ASP A 30 -23.32 -8.16 15.62
N LEU A 31 -23.24 -7.17 16.49
CA LEU A 31 -23.33 -5.78 16.09
C LEU A 31 -21.96 -5.12 16.11
N GLY A 32 -20.91 -5.92 16.21
CA GLY A 32 -19.56 -5.38 16.22
C GLY A 32 -18.96 -5.25 14.84
N VAL A 33 -19.60 -5.87 13.84
CA VAL A 33 -19.09 -5.81 12.47
C VAL A 33 -18.79 -4.37 12.09
N GLY A 34 -17.73 -4.16 11.32
CA GLY A 34 -17.38 -2.80 10.93
C GLY A 34 -17.57 -2.51 9.46
N VAL A 35 -18.19 -3.44 8.74
CA VAL A 35 -18.44 -3.26 7.32
C VAL A 35 -19.92 -3.34 7.09
N TYR A 36 -20.36 -3.03 5.88
CA TYR A 36 -21.77 -3.11 5.56
C TYR A 36 -22.16 -4.56 5.31
N LYS A 37 -23.33 -4.94 5.81
CA LYS A 37 -23.87 -6.29 5.63
C LYS A 37 -25.35 -6.15 5.28
N ASP A 38 -25.79 -6.80 4.21
CA ASP A 38 -27.20 -6.71 3.84
C ASP A 38 -28.09 -7.55 4.77
N ALA A 39 -29.37 -7.67 4.40
CA ALA A 39 -30.35 -8.40 5.19
C ALA A 39 -29.97 -9.85 5.48
N THR A 40 -29.28 -10.50 4.55
CA THR A 40 -28.88 -11.90 4.73
C THR A 40 -27.56 -12.01 5.49
N GLY A 41 -26.90 -10.88 5.71
CA GLY A 41 -25.64 -10.88 6.42
C GLY A 41 -24.44 -10.99 5.49
N HIS A 42 -24.55 -10.45 4.29
CA HIS A 42 -23.44 -10.50 3.36
C HIS A 42 -22.92 -9.11 3.04
N THR A 43 -21.71 -9.04 2.50
CA THR A 43 -21.11 -7.78 2.07
C THR A 43 -20.89 -7.99 0.57
N PRO A 44 -21.95 -7.81 -0.23
CA PRO A 44 -21.94 -7.99 -1.69
C PRO A 44 -21.06 -7.04 -2.48
N ILE A 45 -20.76 -7.43 -3.71
CA ILE A 45 -19.96 -6.60 -4.61
C ILE A 45 -21.03 -5.81 -5.36
N MET A 46 -20.94 -4.49 -5.30
CA MET A 46 -21.90 -3.64 -5.99
C MET A 46 -21.97 -4.01 -7.47
N ARG A 47 -23.15 -3.83 -8.06
CA ARG A 47 -23.40 -4.14 -9.47
C ARG A 47 -22.48 -3.37 -10.41
N ALA A 48 -22.40 -2.06 -10.21
CA ALA A 48 -21.56 -1.19 -11.03
C ALA A 48 -20.11 -1.62 -10.97
N VAL A 49 -19.66 -2.00 -9.78
CA VAL A 49 -18.27 -2.44 -9.58
C VAL A 49 -17.98 -3.72 -10.36
N HIS A 50 -18.86 -4.71 -10.27
CA HIS A 50 -18.67 -5.95 -10.99
C HIS A 50 -18.68 -5.70 -12.50
N ALA A 51 -19.38 -4.65 -12.91
CA ALA A 51 -19.47 -4.27 -14.32
C ALA A 51 -18.18 -3.61 -14.77
N ALA A 52 -17.55 -2.87 -13.86
CA ALA A 52 -16.29 -2.21 -14.18
C ALA A 52 -15.17 -3.25 -14.32
N GLU A 53 -15.18 -4.27 -13.47
CA GLU A 53 -14.15 -5.31 -13.52
C GLU A 53 -14.24 -6.15 -14.78
N GLN A 54 -15.45 -6.35 -15.27
CA GLN A 54 -15.64 -7.12 -16.50
C GLN A 54 -15.09 -6.30 -17.66
N ARG A 55 -15.38 -5.01 -17.66
CA ARG A 55 -14.91 -4.10 -18.72
C ARG A 55 -13.39 -3.98 -18.73
N MET A 56 -12.82 -3.86 -17.53
CA MET A 56 -11.38 -3.75 -17.37
C MET A 56 -10.71 -5.01 -17.92
N LEU A 57 -11.30 -6.16 -17.62
CA LEU A 57 -10.77 -7.44 -18.08
C LEU A 57 -10.72 -7.53 -19.60
N GLU A 58 -11.62 -6.80 -20.25
CA GLU A 58 -11.70 -6.81 -21.70
C GLU A 58 -10.90 -5.72 -22.39
N THR A 59 -10.55 -4.67 -21.66
CA THR A 59 -9.83 -3.56 -22.26
C THR A 59 -8.35 -3.45 -21.96
N GLU A 60 -7.96 -3.78 -20.73
CA GLU A 60 -6.55 -3.69 -20.34
C GLU A 60 -5.66 -4.58 -21.21
N THR A 61 -4.65 -3.97 -21.81
CA THR A 61 -3.72 -4.68 -22.68
C THR A 61 -2.38 -4.92 -21.99
N THR A 62 -2.12 -4.19 -20.92
CA THR A 62 -0.86 -4.31 -20.19
C THR A 62 -1.06 -4.02 -18.71
N LYS A 63 0.00 -4.27 -17.94
CA LYS A 63 -0.01 -4.02 -16.50
C LYS A 63 1.28 -3.34 -16.08
N THR A 64 1.98 -2.72 -17.04
CA THR A 64 3.23 -2.02 -16.75
C THR A 64 3.02 -0.96 -15.69
N TYR A 65 4.11 -0.44 -15.16
CA TYR A 65 4.02 0.59 -14.14
C TYR A 65 3.24 1.78 -14.74
N ALA A 66 2.41 2.39 -13.92
CA ALA A 66 1.61 3.52 -14.35
C ALA A 66 2.01 4.74 -13.52
N GLY A 67 1.09 5.69 -13.35
CA GLY A 67 1.37 6.89 -12.60
C GLY A 67 1.75 6.70 -11.15
N LEU A 68 2.84 7.34 -10.77
CA LEU A 68 3.40 7.29 -9.42
C LEU A 68 2.47 7.84 -8.32
N SER A 69 1.69 8.88 -8.65
CA SER A 69 0.77 9.47 -7.68
C SER A 69 -0.68 9.19 -8.04
N GLY A 70 -0.88 8.22 -8.93
CA GLY A 70 -2.21 7.84 -9.36
C GLY A 70 -2.38 8.14 -10.84
N GLU A 71 -3.53 7.78 -11.39
CA GLU A 71 -3.82 8.05 -12.79
C GLU A 71 -4.68 9.30 -12.83
N PRO A 72 -4.44 10.19 -13.80
CA PRO A 72 -5.21 11.43 -13.94
C PRO A 72 -6.73 11.22 -13.87
N GLU A 73 -7.22 10.19 -14.55
CA GLU A 73 -8.65 9.91 -14.54
C GLU A 73 -9.21 9.74 -13.13
N PHE A 74 -8.45 9.07 -12.27
CA PHE A 74 -8.89 8.82 -10.89
C PHE A 74 -8.83 10.07 -10.04
N GLN A 75 -7.71 10.79 -10.11
CA GLN A 75 -7.51 12.01 -9.33
C GLN A 75 -8.61 13.02 -9.63
N LYS A 76 -8.87 13.20 -10.92
CA LYS A 76 -9.87 14.15 -11.39
C LYS A 76 -11.26 13.73 -10.93
N ALA A 77 -11.62 12.48 -11.22
CA ALA A 77 -12.93 11.98 -10.83
C ALA A 77 -13.16 12.06 -9.30
N MET A 78 -12.13 11.77 -8.51
CA MET A 78 -12.26 11.83 -7.04
C MET A 78 -12.46 13.25 -6.53
N GLY A 79 -11.66 14.18 -7.03
CA GLY A 79 -11.78 15.57 -6.63
C GLY A 79 -13.16 16.11 -6.98
N GLU A 80 -13.70 15.70 -8.12
CA GLU A 80 -15.02 16.16 -8.51
C GLU A 80 -16.10 15.55 -7.63
N LEU A 81 -15.96 14.27 -7.32
CA LEU A 81 -16.94 13.59 -6.48
C LEU A 81 -16.97 14.22 -5.09
N ILE A 82 -15.81 14.69 -4.62
CA ILE A 82 -15.71 15.29 -3.30
C ILE A 82 -15.99 16.80 -3.26
N LEU A 83 -15.23 17.59 -4.04
CA LEU A 83 -15.38 19.05 -4.03
C LEU A 83 -16.40 19.62 -5.01
N GLY A 84 -16.89 18.78 -5.91
CA GLY A 84 -17.86 19.22 -6.90
C GLY A 84 -17.34 20.34 -7.78
N ASP A 85 -18.23 21.25 -8.17
CA ASP A 85 -17.88 22.40 -9.01
C ASP A 85 -16.81 23.25 -8.37
N GLY A 86 -16.71 23.18 -7.06
CA GLY A 86 -15.72 23.97 -6.35
C GLY A 86 -14.29 23.50 -6.55
N LEU A 87 -14.10 22.46 -7.35
CA LEU A 87 -12.75 21.95 -7.57
C LEU A 87 -11.83 22.92 -8.30
N LYS A 88 -10.90 23.50 -7.54
CA LYS A 88 -9.93 24.46 -8.09
C LYS A 88 -8.67 23.68 -8.45
N SER A 89 -8.66 23.05 -9.61
CA SER A 89 -7.51 22.27 -10.08
C SER A 89 -6.16 22.97 -9.93
N GLU A 90 -6.14 24.27 -10.24
CA GLU A 90 -4.93 25.08 -10.17
C GLU A 90 -4.21 25.01 -8.82
N THR A 91 -4.97 24.82 -7.75
CA THR A 91 -4.40 24.79 -6.40
C THR A 91 -4.60 23.49 -5.63
N THR A 92 -4.98 22.42 -6.34
CA THR A 92 -5.22 21.12 -5.72
C THR A 92 -4.16 20.08 -6.07
N ALA A 93 -3.57 19.46 -5.04
CA ALA A 93 -2.57 18.39 -5.23
C ALA A 93 -3.32 17.08 -4.90
N THR A 94 -3.09 16.03 -5.68
CA THR A 94 -3.78 14.77 -5.42
C THR A 94 -2.83 13.57 -5.37
N LEU A 95 -3.16 12.58 -4.54
CA LEU A 95 -2.33 11.41 -4.40
C LEU A 95 -3.13 10.14 -4.20
N ALA A 96 -2.91 9.15 -5.06
CA ALA A 96 -3.58 7.86 -4.96
C ALA A 96 -2.86 7.15 -3.82
N THR A 97 -3.63 6.64 -2.87
CA THR A 97 -3.08 5.98 -1.71
C THR A 97 -3.60 4.56 -1.55
N VAL A 98 -3.09 3.84 -0.55
CA VAL A 98 -3.53 2.49 -0.27
C VAL A 98 -4.64 2.62 0.76
N GLY A 99 -5.86 2.87 0.27
CA GLY A 99 -7.00 3.05 1.16
C GLY A 99 -6.98 4.38 1.88
N GLY A 100 -8.07 4.69 2.58
CA GLY A 100 -8.16 5.92 3.33
C GLY A 100 -7.10 5.98 4.41
N THR A 101 -6.75 4.82 4.98
CA THR A 101 -5.72 4.75 6.02
C THR A 101 -4.38 5.19 5.43
N GLY A 102 -4.10 4.78 4.20
CA GLY A 102 -2.85 5.18 3.56
C GLY A 102 -2.86 6.70 3.41
N ALA A 103 -4.01 7.25 3.05
CA ALA A 103 -4.19 8.69 2.89
C ALA A 103 -3.92 9.43 4.19
N LEU A 104 -4.41 8.88 5.30
CA LEU A 104 -4.21 9.49 6.62
C LEU A 104 -2.73 9.49 6.97
N ARG A 105 -2.07 8.34 6.81
CA ARG A 105 -0.65 8.21 7.09
C ARG A 105 0.17 9.22 6.28
N GLN A 106 -0.10 9.29 4.98
CA GLN A 106 0.64 10.22 4.11
C GLN A 106 0.39 11.68 4.53
N ALA A 107 -0.86 12.02 4.81
CA ALA A 107 -1.24 13.38 5.22
C ALA A 107 -0.42 13.81 6.42
N LEU A 108 -0.31 12.90 7.40
CA LEU A 108 0.47 13.14 8.61
C LEU A 108 1.94 13.34 8.24
N GLU A 109 2.45 12.49 7.35
CA GLU A 109 3.85 12.61 6.93
C GLU A 109 4.11 13.93 6.21
N LEU A 110 3.12 14.39 5.47
CA LEU A 110 3.22 15.63 4.71
C LEU A 110 3.26 16.83 5.65
N ALA A 111 2.26 16.93 6.50
CA ALA A 111 2.16 18.03 7.45
C ALA A 111 3.42 18.16 8.29
N ARG A 112 3.85 17.06 8.88
CA ARG A 112 5.04 17.03 9.73
C ARG A 112 6.28 17.44 8.95
N MET A 113 6.28 17.11 7.66
CA MET A 113 7.39 17.45 6.79
C MET A 113 7.47 18.98 6.67
N ALA A 114 6.30 19.62 6.63
CA ALA A 114 6.20 21.08 6.52
C ALA A 114 6.36 21.77 7.87
N ASN A 115 5.91 21.12 8.94
CA ASN A 115 6.01 21.67 10.28
C ASN A 115 6.36 20.58 11.28
N PRO A 116 7.66 20.45 11.61
CA PRO A 116 8.16 19.45 12.56
C PRO A 116 7.50 19.53 13.92
N ASP A 117 7.12 20.73 14.34
CA ASP A 117 6.49 20.91 15.64
C ASP A 117 4.97 20.77 15.56
N LEU A 118 4.52 19.91 14.66
CA LEU A 118 3.10 19.68 14.45
C LEU A 118 2.44 18.99 15.64
N ARG A 119 1.24 19.44 15.99
CA ARG A 119 0.44 18.84 17.07
C ARG A 119 -0.87 18.46 16.42
N VAL A 120 -1.44 17.33 16.82
CA VAL A 120 -2.72 16.91 16.24
C VAL A 120 -3.82 16.94 17.28
N PHE A 121 -4.97 17.47 16.88
CA PHE A 121 -6.14 17.55 17.74
C PHE A 121 -7.15 16.55 17.19
N VAL A 122 -7.55 15.58 18.01
CA VAL A 122 -8.51 14.55 17.60
C VAL A 122 -9.76 14.67 18.45
N SER A 123 -10.89 14.20 17.94
CA SER A 123 -12.14 14.28 18.67
C SER A 123 -12.18 13.29 19.81
N ASP A 124 -13.13 13.49 20.71
CA ASP A 124 -13.32 12.61 21.83
C ASP A 124 -14.74 12.07 21.71
N PRO A 125 -14.89 10.81 21.27
CA PRO A 125 -13.83 9.89 20.87
C PRO A 125 -13.61 9.91 19.35
N THR A 126 -12.75 9.02 18.87
CA THR A 126 -12.46 8.95 17.46
C THR A 126 -12.06 7.52 17.10
N TRP A 127 -11.83 7.29 15.81
CA TRP A 127 -11.42 5.99 15.28
C TRP A 127 -10.05 5.70 15.91
N PRO A 128 -9.93 4.60 16.67
CA PRO A 128 -8.67 4.22 17.33
C PRO A 128 -7.43 4.22 16.42
N ASN A 129 -7.61 3.88 15.15
CA ASN A 129 -6.47 3.86 14.22
C ASN A 129 -5.81 5.24 14.11
N HIS A 130 -6.59 6.30 14.32
CA HIS A 130 -6.05 7.66 14.28
C HIS A 130 -4.92 7.80 15.28
N VAL A 131 -5.26 7.53 16.54
CA VAL A 131 -4.33 7.61 17.65
C VAL A 131 -3.17 6.64 17.46
N SER A 132 -3.48 5.42 17.04
CA SER A 132 -2.48 4.40 16.82
C SER A 132 -1.36 4.90 15.90
N ILE A 133 -1.74 5.36 14.70
CA ILE A 133 -0.77 5.86 13.75
C ILE A 133 0.01 7.04 14.33
N MET A 134 -0.69 7.99 14.91
CA MET A 134 -0.03 9.16 15.49
C MET A 134 0.96 8.80 16.60
N ASN A 135 0.59 7.86 17.46
CA ASN A 135 1.48 7.41 18.54
C ASN A 135 2.71 6.78 17.93
N PHE A 136 2.47 5.93 16.94
CA PHE A 136 3.54 5.25 16.22
C PHE A 136 4.49 6.27 15.59
N MET A 137 3.95 7.40 15.17
CA MET A 137 4.78 8.44 14.56
C MET A 137 5.43 9.34 15.60
N GLY A 138 4.98 9.21 16.85
CA GLY A 138 5.53 10.02 17.93
C GLY A 138 5.11 11.48 17.90
N LEU A 139 3.93 11.76 17.33
CA LEU A 139 3.41 13.12 17.26
C LEU A 139 2.60 13.40 18.51
N PRO A 140 2.67 14.62 19.04
CA PRO A 140 1.89 14.96 20.24
C PRO A 140 0.41 15.01 19.87
N VAL A 141 -0.44 14.47 20.74
CA VAL A 141 -1.87 14.44 20.48
C VAL A 141 -2.69 15.08 21.59
N GLN A 142 -3.65 15.90 21.18
CA GLN A 142 -4.54 16.58 22.10
C GLN A 142 -5.92 16.14 21.69
N THR A 143 -6.83 16.15 22.65
CA THR A 143 -8.20 15.75 22.44
C THR A 143 -9.12 16.99 22.54
N TYR A 144 -10.22 16.97 21.80
CA TYR A 144 -11.20 18.04 21.87
C TYR A 144 -12.53 17.36 22.11
N ARG A 145 -13.29 17.88 23.09
CA ARG A 145 -14.59 17.32 23.45
C ARG A 145 -15.48 17.24 22.22
N TYR A 146 -16.26 16.16 22.15
CA TYR A 146 -17.11 15.99 21.00
C TYR A 146 -18.39 15.25 21.36
N PHE A 147 -18.29 14.00 21.80
CA PHE A 147 -19.49 13.24 22.12
C PHE A 147 -20.02 13.53 23.51
N ASP A 148 -21.32 13.79 23.58
CA ASP A 148 -21.98 14.05 24.85
C ASP A 148 -22.66 12.73 25.24
N ALA A 149 -22.09 12.06 26.24
CA ALA A 149 -22.60 10.78 26.73
C ALA A 149 -24.05 10.80 27.24
N GLU A 150 -24.50 11.95 27.69
CA GLU A 150 -25.85 12.10 28.22
C GLU A 150 -26.93 12.30 27.14
N THR A 151 -26.62 13.08 26.11
CA THR A 151 -27.59 13.33 25.06
C THR A 151 -27.33 12.52 23.81
N ARG A 152 -26.11 11.97 23.71
CA ARG A 152 -25.64 11.20 22.57
C ARG A 152 -25.50 12.11 21.35
N GLY A 153 -25.30 13.39 21.62
CA GLY A 153 -25.15 14.36 20.55
C GLY A 153 -23.81 15.05 20.66
N VAL A 154 -23.61 16.08 19.86
CA VAL A 154 -22.35 16.82 19.87
C VAL A 154 -22.30 17.90 20.94
N ASP A 155 -21.29 17.84 21.78
CA ASP A 155 -21.06 18.84 22.82
C ASP A 155 -20.29 19.95 22.09
N PHE A 156 -21.00 20.73 21.28
CA PHE A 156 -20.39 21.80 20.49
C PHE A 156 -19.69 22.88 21.31
N GLU A 157 -20.31 23.33 22.38
CA GLU A 157 -19.68 24.34 23.22
C GLU A 157 -18.34 23.83 23.73
N GLY A 158 -18.30 22.54 24.09
CA GLY A 158 -17.07 21.94 24.58
C GLY A 158 -16.03 21.88 23.48
N MET A 159 -16.46 21.48 22.29
CA MET A 159 -15.58 21.37 21.13
C MET A 159 -14.97 22.74 20.79
N LYS A 160 -15.80 23.78 20.81
CA LYS A 160 -15.33 25.13 20.52
C LYS A 160 -14.26 25.56 21.51
N ALA A 161 -14.55 25.41 22.79
CA ALA A 161 -13.62 25.79 23.84
C ALA A 161 -12.26 25.13 23.67
N ASP A 162 -12.24 23.83 23.43
CA ASP A 162 -10.98 23.08 23.26
C ASP A 162 -10.26 23.41 21.98
N LEU A 163 -11.01 23.59 20.90
CA LEU A 163 -10.41 23.93 19.61
C LEU A 163 -9.82 25.32 19.64
N ALA A 164 -10.32 26.16 20.54
CA ALA A 164 -9.83 27.53 20.67
C ALA A 164 -8.36 27.57 21.11
N ALA A 165 -7.86 26.46 21.63
CA ALA A 165 -6.48 26.37 22.11
C ALA A 165 -5.46 25.93 21.07
N ALA A 166 -5.90 25.70 19.84
CA ALA A 166 -4.98 25.30 18.79
C ALA A 166 -4.17 26.52 18.36
N LYS A 167 -2.91 26.31 18.02
CA LYS A 167 -2.07 27.41 17.56
C LYS A 167 -1.82 27.24 16.06
N LYS A 168 -1.26 28.27 15.44
CA LYS A 168 -0.95 28.26 14.02
C LYS A 168 -0.02 27.09 13.71
N GLY A 169 -0.35 26.32 12.67
CA GLY A 169 0.51 25.20 12.33
C GLY A 169 0.09 23.86 12.93
N ASP A 170 -0.82 23.89 13.90
CA ASP A 170 -1.32 22.66 14.50
C ASP A 170 -2.26 22.05 13.48
N MET A 171 -2.72 20.83 13.74
CA MET A 171 -3.62 20.14 12.83
C MET A 171 -4.86 19.73 13.60
N VAL A 172 -6.01 19.87 12.95
CA VAL A 172 -7.29 19.51 13.56
C VAL A 172 -7.91 18.46 12.67
N LEU A 173 -8.14 17.28 13.23
CA LEU A 173 -8.70 16.17 12.49
C LEU A 173 -10.21 16.17 12.64
N LEU A 174 -10.91 16.25 11.50
CA LEU A 174 -12.37 16.27 11.50
C LEU A 174 -12.93 15.17 10.61
N HIS A 175 -14.00 14.54 11.06
CA HIS A 175 -14.67 13.52 10.27
C HIS A 175 -15.62 14.35 9.41
N GLY A 176 -15.55 14.16 8.09
CA GLY A 176 -16.42 14.92 7.20
C GLY A 176 -17.89 14.62 7.41
N CYS A 177 -18.20 13.36 7.72
CA CYS A 177 -19.57 12.94 7.93
C CYS A 177 -19.57 11.58 8.58
N CYS A 178 -20.74 11.16 9.05
CA CYS A 178 -20.94 9.86 9.69
C CYS A 178 -19.82 9.53 10.63
N HIS A 179 -19.74 10.31 11.70
CA HIS A 179 -18.72 10.13 12.70
C HIS A 179 -18.65 8.68 13.18
N ASN A 180 -17.44 8.14 13.14
CA ASN A 180 -17.14 6.78 13.56
C ASN A 180 -16.28 7.01 14.81
N PRO A 181 -16.66 6.42 15.96
CA PRO A 181 -17.79 5.52 16.26
C PRO A 181 -19.14 6.09 16.72
N THR A 182 -19.20 7.36 17.10
CA THR A 182 -20.43 7.94 17.64
C THR A 182 -21.70 8.02 16.78
N GLY A 183 -21.56 8.45 15.53
CA GLY A 183 -22.74 8.60 14.69
C GLY A 183 -23.39 9.98 14.88
N ALA A 184 -22.85 10.78 15.79
CA ALA A 184 -23.35 12.12 16.06
C ALA A 184 -22.58 13.06 15.15
N ASN A 185 -23.30 13.89 14.41
CA ASN A 185 -22.62 14.77 13.45
C ASN A 185 -22.91 16.26 13.58
N LEU A 186 -22.11 17.04 12.88
CA LEU A 186 -22.22 18.50 12.88
C LEU A 186 -23.22 18.98 11.84
N THR A 187 -23.90 20.07 12.16
CA THR A 187 -24.85 20.67 11.25
C THR A 187 -24.02 21.61 10.37
N LEU A 188 -24.58 22.10 9.28
CA LEU A 188 -23.82 22.99 8.38
C LEU A 188 -23.50 24.32 9.08
N ASP A 189 -24.32 24.69 10.05
CA ASP A 189 -24.09 25.92 10.80
C ASP A 189 -22.94 25.72 11.78
N GLN A 190 -22.85 24.53 12.35
CA GLN A 190 -21.76 24.23 13.28
C GLN A 190 -20.46 24.19 12.51
N TRP A 191 -20.52 23.77 11.24
CA TRP A 191 -19.35 23.72 10.37
C TRP A 191 -18.85 25.14 10.14
N ALA A 192 -19.78 26.06 9.88
CA ALA A 192 -19.46 27.46 9.64
C ALA A 192 -18.70 28.05 10.83
N GLU A 193 -19.16 27.73 12.04
CA GLU A 193 -18.52 28.21 13.25
C GLU A 193 -17.14 27.59 13.41
N ILE A 194 -17.01 26.30 13.09
CA ILE A 194 -15.73 25.63 13.20
C ILE A 194 -14.77 26.32 12.22
N ALA A 195 -15.27 26.61 11.03
CA ALA A 195 -14.47 27.28 10.02
C ALA A 195 -13.90 28.58 10.58
N SER A 196 -14.73 29.37 11.25
CA SER A 196 -14.28 30.64 11.83
C SER A 196 -13.18 30.45 12.86
N ILE A 197 -13.31 29.42 13.69
CA ILE A 197 -12.31 29.13 14.69
C ILE A 197 -11.01 28.73 14.01
N LEU A 198 -11.10 28.01 12.89
CA LEU A 198 -9.92 27.58 12.16
C LEU A 198 -9.19 28.77 11.51
N GLU A 199 -9.94 29.68 10.90
CA GLU A 199 -9.33 30.84 10.28
C GLU A 199 -8.60 31.60 11.38
N LYS A 200 -9.29 31.80 12.50
CA LYS A 200 -8.77 32.51 13.66
C LYS A 200 -7.49 31.93 14.25
N THR A 201 -7.46 30.63 14.45
CA THR A 201 -6.29 29.97 15.03
C THR A 201 -5.16 29.69 14.03
N GLY A 202 -5.52 29.56 12.76
CA GLY A 202 -4.51 29.28 11.76
C GLY A 202 -4.13 27.80 11.77
N ALA A 203 -5.00 26.97 12.33
CA ALA A 203 -4.77 25.55 12.39
C ALA A 203 -5.17 24.91 11.05
N LEU A 204 -4.46 23.85 10.67
CA LEU A 204 -4.69 23.15 9.41
C LEU A 204 -5.70 22.03 9.58
N PRO A 205 -6.80 22.04 8.80
CA PRO A 205 -7.81 21.00 8.91
C PRO A 205 -7.49 19.74 8.10
N LEU A 206 -7.63 18.59 8.72
CA LEU A 206 -7.42 17.31 8.05
C LEU A 206 -8.78 16.64 8.11
N ILE A 207 -9.38 16.40 6.94
CA ILE A 207 -10.68 15.78 6.91
C ILE A 207 -10.65 14.30 6.55
N ASP A 208 -11.21 13.50 7.44
CA ASP A 208 -11.30 12.06 7.25
C ASP A 208 -12.68 11.82 6.64
N LEU A 209 -12.72 11.62 5.33
CA LEU A 209 -13.97 11.39 4.61
C LEU A 209 -14.03 9.96 4.08
N ALA A 210 -14.54 9.03 4.88
CA ALA A 210 -14.63 7.65 4.46
C ALA A 210 -16.06 7.14 4.22
N TYR A 211 -17.06 7.95 4.55
CA TYR A 211 -18.45 7.53 4.39
C TYR A 211 -19.36 8.41 3.52
N GLN A 212 -18.79 9.10 2.53
CA GLN A 212 -19.61 9.95 1.67
C GLN A 212 -20.68 9.14 0.95
N GLY A 213 -21.94 9.47 1.22
CA GLY A 213 -23.04 8.75 0.61
C GLY A 213 -23.79 7.83 1.55
N PHE A 214 -23.33 7.75 2.81
CA PHE A 214 -23.98 6.91 3.81
C PHE A 214 -24.83 7.69 4.81
N GLY A 215 -24.64 9.00 4.86
CA GLY A 215 -25.39 9.84 5.77
C GLY A 215 -26.71 10.36 5.23
N ASP A 216 -26.64 11.50 4.56
CA ASP A 216 -27.82 12.12 3.98
C ASP A 216 -27.81 12.10 2.45
N GLY A 217 -26.68 11.70 1.87
CA GLY A 217 -26.57 11.64 0.42
C GLY A 217 -25.16 12.01 -0.02
N LEU A 218 -24.81 11.68 -1.26
CA LEU A 218 -23.48 11.98 -1.78
C LEU A 218 -23.14 13.46 -1.64
N GLU A 219 -23.99 14.32 -2.20
CA GLU A 219 -23.77 15.76 -2.14
C GLU A 219 -23.86 16.29 -0.71
N GLU A 220 -24.93 15.91 -0.01
CA GLU A 220 -25.17 16.35 1.35
C GLU A 220 -24.04 16.03 2.31
N ASP A 221 -23.45 14.85 2.17
CA ASP A 221 -22.36 14.42 3.04
C ASP A 221 -21.05 15.18 2.85
N ALA A 222 -20.87 15.77 1.68
CA ALA A 222 -19.66 16.55 1.39
C ALA A 222 -19.87 18.03 1.71
N ALA A 223 -21.08 18.43 2.10
CA ALA A 223 -21.36 19.83 2.40
C ALA A 223 -20.39 20.46 3.41
N GLY A 224 -20.18 19.78 4.53
CA GLY A 224 -19.26 20.29 5.55
C GLY A 224 -17.86 20.45 5.02
N THR A 225 -17.38 19.46 4.28
CA THR A 225 -16.05 19.48 3.72
C THR A 225 -15.91 20.65 2.73
N ARG A 226 -16.92 20.84 1.90
CA ARG A 226 -16.93 21.91 0.90
C ARG A 226 -16.94 23.29 1.51
N LEU A 227 -17.55 23.42 2.68
CA LEU A 227 -17.60 24.70 3.39
C LEU A 227 -16.19 25.03 3.86
N ILE A 228 -15.50 24.02 4.38
CA ILE A 228 -14.13 24.20 4.87
C ILE A 228 -13.20 24.56 3.70
N ALA A 229 -13.33 23.83 2.61
CA ALA A 229 -12.51 24.05 1.42
C ALA A 229 -12.61 25.48 0.88
N SER A 230 -13.84 25.99 0.79
CA SER A 230 -14.06 27.34 0.27
C SER A 230 -13.64 28.51 1.16
N ARG A 231 -13.51 28.28 2.46
CA ARG A 231 -13.13 29.36 3.36
C ARG A 231 -11.70 29.27 3.93
N ILE A 232 -11.14 28.07 3.97
CA ILE A 232 -9.79 27.87 4.50
C ILE A 232 -8.82 27.73 3.32
N PRO A 233 -7.70 28.48 3.37
CA PRO A 233 -6.68 28.45 2.30
C PRO A 233 -5.97 27.09 2.10
N GLU A 234 -5.60 26.44 3.20
CA GLU A 234 -4.96 25.12 3.12
C GLU A 234 -5.82 24.09 3.83
N VAL A 235 -6.15 23.02 3.14
CA VAL A 235 -6.97 21.94 3.68
C VAL A 235 -6.44 20.60 3.17
N LEU A 236 -6.44 19.60 4.05
CA LEU A 236 -5.97 18.26 3.70
C LEU A 236 -7.19 17.33 3.84
N ILE A 237 -7.48 16.57 2.79
CA ILE A 237 -8.64 15.66 2.81
C ILE A 237 -8.21 14.23 2.51
N ALA A 238 -8.42 13.33 3.46
CA ALA A 238 -8.09 11.93 3.30
C ALA A 238 -9.38 11.16 3.00
N ALA A 239 -9.56 10.78 1.75
CA ALA A 239 -10.77 10.08 1.33
C ALA A 239 -10.61 8.58 1.14
N SER A 240 -11.70 7.86 1.37
CA SER A 240 -11.74 6.41 1.22
C SER A 240 -12.80 5.99 0.20
N CYS A 241 -12.56 4.87 -0.46
CA CYS A 241 -13.49 4.32 -1.45
C CYS A 241 -13.91 2.92 -1.03
N SER A 242 -13.36 2.45 0.09
CA SER A 242 -13.63 1.11 0.59
C SER A 242 -15.09 0.84 0.93
N LYS A 243 -15.73 1.81 1.58
CA LYS A 243 -17.12 1.65 1.99
C LYS A 243 -18.20 2.05 0.99
N ASN A 244 -18.17 3.30 0.49
CA ASN A 244 -19.18 3.75 -0.46
C ASN A 244 -19.09 3.09 -1.84
N PHE A 245 -18.07 2.24 -2.02
CA PHE A 245 -17.89 1.49 -3.26
C PHE A 245 -17.87 -0.01 -2.97
N GLY A 246 -17.75 -0.37 -1.70
CA GLY A 246 -17.72 -1.76 -1.31
C GLY A 246 -16.52 -2.54 -1.83
N ILE A 247 -15.37 -1.88 -1.89
CA ILE A 247 -14.13 -2.51 -2.39
C ILE A 247 -13.04 -2.46 -1.33
N TYR A 248 -13.45 -2.68 -0.07
CA TYR A 248 -12.58 -2.67 1.10
C TYR A 248 -11.19 -3.26 0.89
N ARG A 249 -11.14 -4.53 0.48
CA ARG A 249 -9.89 -5.24 0.25
C ARG A 249 -9.04 -4.73 -0.92
N GLU A 250 -9.61 -3.91 -1.81
CA GLU A 250 -8.84 -3.41 -2.93
C GLU A 250 -7.87 -2.33 -2.50
N ARG A 251 -8.16 -1.70 -1.37
CA ARG A 251 -7.31 -0.64 -0.81
C ARG A 251 -7.22 0.60 -1.72
N THR A 252 -8.32 1.31 -1.84
CA THR A 252 -8.42 2.49 -2.70
C THR A 252 -8.84 3.76 -1.97
N GLY A 253 -7.96 4.76 -2.00
CA GLY A 253 -8.24 6.03 -1.37
C GLY A 253 -7.37 7.09 -1.98
N CYS A 254 -7.44 8.31 -1.47
CA CYS A 254 -6.62 9.39 -1.99
C CYS A 254 -6.51 10.60 -1.08
N LEU A 255 -5.35 11.23 -1.14
CA LEU A 255 -5.06 12.42 -0.36
C LEU A 255 -5.21 13.62 -1.26
N LEU A 256 -6.02 14.58 -0.83
CA LEU A 256 -6.24 15.81 -1.57
C LEU A 256 -5.65 16.93 -0.74
N ALA A 257 -4.77 17.72 -1.35
CA ALA A 257 -4.15 18.84 -0.67
C ALA A 257 -4.55 20.14 -1.36
N LEU A 258 -5.40 20.90 -0.70
CA LEU A 258 -5.86 22.18 -1.22
C LEU A 258 -4.87 23.22 -0.73
N CYS A 259 -4.27 23.95 -1.66
CA CYS A 259 -3.26 24.96 -1.33
C CYS A 259 -3.70 26.38 -1.67
N ALA A 260 -2.97 27.36 -1.15
CA ALA A 260 -3.24 28.79 -1.37
C ALA A 260 -2.79 29.29 -2.75
N ASP A 261 -1.64 28.82 -3.22
CA ASP A 261 -1.14 29.25 -4.54
C ASP A 261 -0.77 28.04 -5.40
N ALA A 262 -0.52 28.29 -6.68
CA ALA A 262 -0.14 27.23 -7.62
C ALA A 262 1.28 26.76 -7.34
N ALA A 263 2.13 27.68 -6.90
CA ALA A 263 3.52 27.34 -6.57
C ALA A 263 3.49 26.35 -5.41
N THR A 264 2.73 26.69 -4.38
CA THR A 264 2.60 25.84 -3.20
C THR A 264 2.07 24.47 -3.59
N ARG A 265 1.19 24.43 -4.59
CA ARG A 265 0.62 23.18 -5.06
C ARG A 265 1.72 22.31 -5.69
N GLU A 266 2.51 22.89 -6.58
CA GLU A 266 3.60 22.16 -7.23
C GLU A 266 4.51 21.53 -6.17
N LEU A 267 4.72 22.25 -5.08
CA LEU A 267 5.54 21.80 -3.96
C LEU A 267 4.89 20.58 -3.32
N ALA A 268 3.61 20.71 -2.98
CA ALA A 268 2.85 19.65 -2.33
C ALA A 268 2.77 18.37 -3.15
N GLN A 269 2.52 18.50 -4.45
CA GLN A 269 2.45 17.34 -5.33
C GLN A 269 3.79 16.62 -5.37
N GLY A 270 4.86 17.40 -5.41
CA GLY A 270 6.20 16.83 -5.44
C GLY A 270 6.50 16.05 -4.17
N ALA A 271 6.09 16.59 -3.03
CA ALA A 271 6.31 15.93 -1.75
C ALA A 271 5.43 14.69 -1.58
N MET A 272 4.22 14.74 -2.11
CA MET A 272 3.31 13.61 -2.01
C MET A 272 3.81 12.45 -2.86
N ALA A 273 4.17 12.73 -4.12
CA ALA A 273 4.66 11.71 -5.03
C ALA A 273 5.91 11.09 -4.43
N PHE A 274 6.79 11.94 -3.91
CA PHE A 274 8.02 11.51 -3.27
C PHE A 274 7.71 10.56 -2.11
N LEU A 275 6.67 10.88 -1.35
CA LEU A 275 6.23 10.06 -0.22
C LEU A 275 5.84 8.65 -0.69
N ASN A 276 4.95 8.57 -1.69
CA ASN A 276 4.56 7.26 -2.26
C ASN A 276 5.81 6.49 -2.65
N ARG A 277 6.69 7.16 -3.39
CA ARG A 277 7.95 6.59 -3.85
C ARG A 277 8.76 5.92 -2.73
N GLN A 278 8.94 6.66 -1.63
CA GLN A 278 9.72 6.18 -0.49
C GLN A 278 9.03 5.15 0.39
N THR A 279 7.75 4.90 0.14
CA THR A 279 7.00 3.95 0.93
C THR A 279 6.79 2.62 0.20
N TYR A 280 6.34 2.69 -1.05
CA TYR A 280 6.07 1.50 -1.86
C TYR A 280 6.10 1.77 -3.35
N SER A 281 6.79 2.82 -3.76
CA SER A 281 6.90 3.20 -5.15
C SER A 281 5.57 3.67 -5.76
N PHE A 282 4.81 2.73 -6.33
CA PHE A 282 3.55 3.05 -6.99
C PHE A 282 2.36 2.55 -6.18
N PRO A 283 1.23 3.28 -6.24
CA PRO A 283 0.03 2.87 -5.50
C PRO A 283 -0.69 1.77 -6.28
N PRO A 284 -1.53 0.98 -5.58
CA PRO A 284 -2.27 -0.11 -6.23
C PRO A 284 -3.23 0.44 -7.29
N PHE A 285 -3.22 -0.19 -8.47
CA PHE A 285 -4.03 0.22 -9.60
C PHE A 285 -5.47 -0.29 -9.69
N HIS A 286 -5.68 -1.58 -9.48
CA HIS A 286 -7.00 -2.18 -9.62
C HIS A 286 -8.22 -1.47 -9.07
N GLY A 287 -8.24 -1.24 -7.75
CA GLY A 287 -9.38 -0.60 -7.12
C GLY A 287 -9.65 0.81 -7.61
N ALA A 288 -8.58 1.57 -7.85
CA ALA A 288 -8.68 2.93 -8.34
C ALA A 288 -9.22 2.95 -9.78
N LYS A 289 -8.89 1.93 -10.56
CA LYS A 289 -9.36 1.88 -11.93
C LYS A 289 -10.84 1.51 -11.98
N ILE A 290 -11.31 0.78 -10.97
CA ILE A 290 -12.71 0.42 -10.91
C ILE A 290 -13.49 1.71 -10.69
N VAL A 291 -13.09 2.46 -9.66
CA VAL A 291 -13.71 3.72 -9.30
C VAL A 291 -13.77 4.74 -10.45
N SER A 292 -12.65 5.00 -11.12
CA SER A 292 -12.64 5.94 -12.22
C SER A 292 -13.52 5.48 -13.37
N THR A 293 -13.67 4.17 -13.52
CA THR A 293 -14.53 3.59 -14.57
C THR A 293 -16.00 3.82 -14.26
N VAL A 294 -16.38 3.62 -12.99
CA VAL A 294 -17.75 3.80 -12.56
C VAL A 294 -18.18 5.27 -12.69
N LEU A 295 -17.33 6.15 -12.19
CA LEU A 295 -17.56 7.59 -12.21
C LEU A 295 -17.56 8.23 -13.61
N THR A 296 -16.69 7.75 -14.50
CA THR A 296 -16.62 8.33 -15.86
C THR A 296 -17.63 7.72 -16.85
N THR A 297 -18.12 6.54 -16.54
CA THR A 297 -19.11 5.89 -17.40
C THR A 297 -20.50 6.17 -16.84
N PRO A 298 -21.27 7.04 -17.54
CA PRO A 298 -22.63 7.45 -17.16
C PRO A 298 -23.52 6.31 -16.68
N GLU A 299 -23.59 5.26 -17.48
CA GLU A 299 -24.39 4.09 -17.18
C GLU A 299 -24.04 3.52 -15.80
N LEU A 300 -22.77 3.22 -15.61
CA LEU A 300 -22.31 2.65 -14.35
C LEU A 300 -22.52 3.60 -13.17
N ARG A 301 -22.10 4.85 -13.35
CA ARG A 301 -22.24 5.86 -12.30
C ARG A 301 -23.67 5.98 -11.79
N ALA A 302 -24.62 5.97 -12.73
CA ALA A 302 -26.03 6.08 -12.40
C ALA A 302 -26.45 4.87 -11.58
N ASP A 303 -25.95 3.70 -11.95
CA ASP A 303 -26.30 2.48 -11.24
C ASP A 303 -25.66 2.44 -9.84
N TRP A 304 -24.46 2.98 -9.73
CA TRP A 304 -23.75 3.02 -8.46
C TRP A 304 -24.49 3.93 -7.47
N MET A 305 -24.79 5.14 -7.90
CA MET A 305 -25.49 6.10 -7.06
C MET A 305 -26.83 5.52 -6.61
N ALA A 306 -27.52 4.82 -7.50
CA ALA A 306 -28.81 4.22 -7.16
C ALA A 306 -28.66 3.12 -6.12
N GLU A 307 -27.65 2.27 -6.29
CA GLU A 307 -27.43 1.20 -5.34
C GLU A 307 -27.03 1.78 -3.98
N LEU A 308 -26.14 2.77 -4.00
CA LEU A 308 -25.68 3.40 -2.77
C LEU A 308 -26.86 4.03 -2.02
N GLU A 309 -27.71 4.75 -2.74
CA GLU A 309 -28.87 5.39 -2.12
C GLU A 309 -29.82 4.36 -1.51
N ALA A 310 -29.94 3.21 -2.16
CA ALA A 310 -30.79 2.13 -1.66
C ALA A 310 -30.26 1.70 -0.28
N VAL A 311 -28.93 1.60 -0.18
CA VAL A 311 -28.29 1.22 1.07
C VAL A 311 -28.56 2.25 2.16
N ARG A 312 -28.31 3.52 1.85
CA ARG A 312 -28.51 4.63 2.77
C ARG A 312 -29.94 4.65 3.29
N SER A 313 -30.89 4.62 2.37
CA SER A 313 -32.32 4.62 2.71
C SER A 313 -32.67 3.45 3.61
N GLY A 314 -32.08 2.30 3.31
CA GLY A 314 -32.33 1.12 4.11
C GLY A 314 -31.92 1.30 5.56
N MET A 315 -30.67 1.71 5.78
CA MET A 315 -30.16 1.90 7.13
C MET A 315 -30.96 2.95 7.89
N LEU A 316 -31.34 4.02 7.19
CA LEU A 316 -32.11 5.08 7.82
C LEU A 316 -33.44 4.51 8.32
N ARG A 317 -34.09 3.67 7.52
CA ARG A 317 -35.33 3.06 7.94
C ARG A 317 -35.10 2.14 9.13
N LEU A 318 -33.93 1.50 9.19
CA LEU A 318 -33.58 0.63 10.31
C LEU A 318 -33.47 1.50 11.57
N ARG A 319 -33.03 2.75 11.38
CA ARG A 319 -32.89 3.68 12.50
C ARG A 319 -34.28 4.08 13.02
N GLU A 320 -35.19 4.38 12.10
CA GLU A 320 -36.56 4.77 12.43
C GLU A 320 -37.21 3.66 13.26
N GLN A 321 -37.08 2.43 12.78
CA GLN A 321 -37.65 1.28 13.47
C GLN A 321 -37.11 1.09 14.87
N LEU A 322 -35.80 0.97 15.00
CA LEU A 322 -35.18 0.78 16.31
C LEU A 322 -35.62 1.88 17.29
N ALA A 323 -35.64 3.13 16.82
CA ALA A 323 -36.05 4.25 17.67
C ALA A 323 -37.53 4.14 18.04
N GLY A 324 -38.33 3.62 17.12
CA GLY A 324 -39.75 3.45 17.38
C GLY A 324 -39.99 2.38 18.40
N GLU A 325 -39.34 1.23 18.21
CA GLU A 325 -39.46 0.10 19.12
C GLU A 325 -39.01 0.54 20.52
N LEU A 326 -37.98 1.37 20.56
CA LEU A 326 -37.46 1.88 21.82
C LEU A 326 -38.42 2.90 22.45
N ARG A 327 -39.15 3.62 21.60
CA ARG A 327 -40.11 4.63 22.04
C ARG A 327 -41.25 3.93 22.77
N ASP A 328 -41.73 2.84 22.17
CA ASP A 328 -42.82 2.05 22.72
C ASP A 328 -42.48 1.40 24.05
N LEU A 329 -41.32 0.75 24.12
CA LEU A 329 -40.89 0.08 25.34
C LEU A 329 -40.52 1.02 26.48
N SER A 330 -39.89 2.14 26.16
CA SER A 330 -39.50 3.09 27.20
C SER A 330 -40.63 4.03 27.59
N GLY A 331 -41.50 4.33 26.64
CA GLY A 331 -42.59 5.25 26.92
C GLY A 331 -42.02 6.66 27.05
N SER A 332 -40.91 6.92 26.37
CA SER A 332 -40.27 8.22 26.40
C SER A 332 -39.44 8.48 25.14
N ASP A 333 -38.94 9.71 24.99
CA ASP A 333 -38.11 10.07 23.84
C ASP A 333 -36.74 9.43 24.00
N ARG A 334 -36.05 9.77 25.09
CA ARG A 334 -34.71 9.26 25.42
C ARG A 334 -33.81 8.76 24.30
N PHE A 335 -34.22 7.67 23.65
CA PHE A 335 -33.47 7.05 22.57
C PHE A 335 -33.69 7.65 21.19
N GLY A 336 -34.34 8.82 21.14
CA GLY A 336 -34.59 9.47 19.87
C GLY A 336 -33.36 9.72 19.02
N PHE A 337 -32.20 9.87 19.69
CA PHE A 337 -30.95 10.13 19.00
C PHE A 337 -30.61 9.06 17.97
N VAL A 338 -31.10 7.85 18.19
CA VAL A 338 -30.84 6.73 17.28
C VAL A 338 -31.27 7.08 15.85
N ALA A 339 -32.38 7.79 15.72
CA ALA A 339 -32.91 8.18 14.42
C ALA A 339 -32.29 9.49 13.92
N GLU A 340 -31.65 10.21 14.82
CA GLU A 340 -31.00 11.47 14.49
C GLU A 340 -29.56 11.27 14.03
N HIS A 341 -28.95 10.17 14.48
CA HIS A 341 -27.57 9.84 14.13
C HIS A 341 -27.47 9.51 12.64
N ARG A 342 -26.29 9.71 12.06
CA ARG A 342 -26.08 9.39 10.66
C ARG A 342 -24.81 8.55 10.54
N GLY A 343 -24.82 7.64 9.57
CA GLY A 343 -23.69 6.76 9.33
C GLY A 343 -24.18 5.36 9.61
N MET A 344 -23.29 4.37 9.55
CA MET A 344 -23.73 3.01 9.84
C MET A 344 -23.40 2.61 11.28
N PHE A 345 -22.87 3.56 12.05
CA PHE A 345 -22.53 3.32 13.44
C PHE A 345 -23.26 4.25 14.38
N SER A 346 -23.40 3.81 15.62
CA SER A 346 -24.07 4.56 16.67
C SER A 346 -23.53 4.11 18.02
N ARG A 347 -23.25 5.07 18.90
CA ARG A 347 -22.80 4.76 20.24
C ARG A 347 -24.05 4.91 21.07
N LEU A 348 -24.43 3.84 21.78
CA LEU A 348 -25.63 3.84 22.60
C LEU A 348 -25.50 4.60 23.91
N GLY A 349 -24.26 4.75 24.39
CA GLY A 349 -24.06 5.44 25.65
C GLY A 349 -24.09 4.46 26.81
N ALA A 350 -23.98 3.17 26.50
CA ALA A 350 -23.98 2.13 27.53
C ALA A 350 -22.60 2.02 28.13
N THR A 351 -22.52 1.77 29.43
CA THR A 351 -21.24 1.62 30.10
C THR A 351 -20.70 0.22 29.78
N PRO A 352 -19.40 -0.01 29.99
CA PRO A 352 -18.81 -1.33 29.71
C PRO A 352 -19.56 -2.46 30.44
N GLU A 353 -19.94 -2.19 31.70
CA GLU A 353 -20.68 -3.14 32.52
C GLU A 353 -22.00 -3.53 31.85
N GLN A 354 -22.71 -2.54 31.32
CA GLN A 354 -23.98 -2.77 30.64
C GLN A 354 -23.75 -3.54 29.34
N VAL A 355 -22.67 -3.23 28.63
CA VAL A 355 -22.34 -3.91 27.39
C VAL A 355 -22.11 -5.40 27.70
N LYS A 356 -21.34 -5.68 28.75
CA LYS A 356 -21.07 -7.07 29.17
C LYS A 356 -22.37 -7.78 29.60
N ARG A 357 -23.24 -7.05 30.27
CA ARG A 357 -24.51 -7.60 30.73
C ARG A 357 -25.44 -7.91 29.56
N ILE A 358 -25.39 -7.08 28.52
CA ILE A 358 -26.21 -7.28 27.32
C ILE A 358 -25.79 -8.58 26.61
N LYS A 359 -24.48 -8.77 26.50
CA LYS A 359 -23.89 -9.95 25.86
C LYS A 359 -24.21 -11.24 26.61
N GLU A 360 -23.99 -11.22 27.92
CA GLU A 360 -24.24 -12.38 28.77
C GLU A 360 -25.71 -12.77 28.91
N GLU A 361 -26.58 -11.78 29.08
CA GLU A 361 -28.01 -12.03 29.23
C GLU A 361 -28.80 -12.15 27.94
N PHE A 362 -28.36 -11.45 26.90
CA PHE A 362 -29.07 -11.46 25.63
C PHE A 362 -28.32 -11.97 24.41
N GLY A 363 -27.05 -12.29 24.58
CA GLY A 363 -26.25 -12.80 23.47
C GLY A 363 -25.92 -11.82 22.37
N ILE A 364 -26.16 -10.54 22.62
CA ILE A 364 -25.87 -9.51 21.62
C ILE A 364 -24.45 -9.01 21.84
N TYR A 365 -23.68 -8.92 20.77
CA TYR A 365 -22.31 -8.45 20.85
C TYR A 365 -22.12 -7.10 20.18
N MET A 366 -21.31 -6.24 20.78
CA MET A 366 -21.02 -4.92 20.24
C MET A 366 -19.64 -4.54 20.75
N VAL A 367 -19.10 -3.43 20.28
CA VAL A 367 -17.78 -3.01 20.74
C VAL A 367 -17.97 -2.56 22.19
N GLY A 368 -16.92 -2.72 23.00
CA GLY A 368 -16.97 -2.34 24.41
C GLY A 368 -17.41 -0.93 24.73
N ASP A 369 -17.28 -0.02 23.76
CA ASP A 369 -17.67 1.38 23.95
C ASP A 369 -19.14 1.60 23.61
N SER A 370 -19.87 0.50 23.43
CA SER A 370 -21.29 0.47 23.08
C SER A 370 -21.60 0.90 21.65
N ARG A 371 -20.64 0.68 20.74
CA ARG A 371 -20.83 1.00 19.34
C ARG A 371 -21.52 -0.15 18.65
N ILE A 372 -22.60 0.13 17.93
CA ILE A 372 -23.32 -0.90 17.20
C ILE A 372 -23.39 -0.57 15.73
N ASN A 373 -23.44 -1.60 14.89
CA ASN A 373 -23.52 -1.41 13.45
C ASN A 373 -24.98 -1.57 13.02
N ILE A 374 -25.57 -0.46 12.56
CA ILE A 374 -26.95 -0.43 12.13
C ILE A 374 -27.28 -1.49 11.08
N ALA A 375 -26.34 -1.73 10.17
CA ALA A 375 -26.50 -2.71 9.10
C ALA A 375 -26.75 -4.12 9.62
N GLY A 376 -26.30 -4.40 10.84
CA GLY A 376 -26.49 -5.72 11.41
C GLY A 376 -27.87 -5.97 11.99
N LEU A 377 -28.70 -4.93 12.00
CA LEU A 377 -30.05 -5.04 12.54
C LEU A 377 -31.04 -5.38 11.43
N ASN A 378 -32.18 -5.92 11.83
CA ASN A 378 -33.23 -6.27 10.89
C ASN A 378 -34.55 -6.48 11.63
N ASP A 379 -35.59 -6.75 10.86
CA ASP A 379 -36.95 -6.96 11.37
C ASP A 379 -37.03 -7.95 12.53
N ASN A 380 -36.07 -8.86 12.59
CA ASN A 380 -36.04 -9.87 13.62
C ASN A 380 -35.16 -9.52 14.80
N THR A 381 -34.04 -8.84 14.55
CA THR A 381 -33.12 -8.47 15.62
C THR A 381 -33.44 -7.17 16.40
N ILE A 382 -34.12 -6.23 15.76
CA ILE A 382 -34.48 -4.96 16.40
C ILE A 382 -35.26 -5.09 17.72
N PRO A 383 -36.30 -5.95 17.76
CA PRO A 383 -37.08 -6.13 18.99
C PRO A 383 -36.22 -6.64 20.14
N ILE A 384 -35.27 -7.52 19.82
CA ILE A 384 -34.38 -8.11 20.80
C ILE A 384 -33.43 -7.08 21.38
N LEU A 385 -32.80 -6.30 20.51
CA LEU A 385 -31.86 -5.24 20.91
C LEU A 385 -32.60 -4.21 21.78
N ALA A 386 -33.78 -3.81 21.33
CA ALA A 386 -34.57 -2.83 22.05
C ALA A 386 -34.81 -3.34 23.46
N ARG A 387 -35.35 -4.55 23.57
CA ARG A 387 -35.64 -5.13 24.88
C ARG A 387 -34.39 -5.22 25.76
N ALA A 388 -33.27 -5.61 25.16
CA ALA A 388 -32.00 -5.73 25.90
C ALA A 388 -31.53 -4.39 26.45
N ILE A 389 -31.61 -3.36 25.61
CA ILE A 389 -31.21 -2.01 26.00
C ILE A 389 -32.03 -1.57 27.21
N ILE A 390 -33.34 -1.75 27.15
CA ILE A 390 -34.24 -1.38 28.25
C ILE A 390 -34.04 -2.24 29.50
N GLU A 391 -33.87 -3.55 29.30
CA GLU A 391 -33.70 -4.49 30.39
C GLU A 391 -32.45 -4.29 31.25
N VAL A 392 -31.34 -3.95 30.61
CA VAL A 392 -30.08 -3.73 31.32
C VAL A 392 -30.04 -2.34 31.96
N GLY A 393 -31.05 -1.53 31.66
CA GLY A 393 -31.14 -0.21 32.25
C GLY A 393 -30.26 0.90 31.69
N VAL A 394 -30.24 1.02 30.37
CA VAL A 394 -29.47 2.07 29.71
C VAL A 394 -30.41 3.27 29.62
N MET B 1 1.31 26.73 5.93
CA MET B 1 2.24 25.70 6.48
C MET B 1 2.90 24.88 5.37
N LEU B 2 2.10 24.45 4.40
CA LEU B 2 2.61 23.65 3.28
C LEU B 2 3.61 24.42 2.44
N GLY B 3 3.65 25.74 2.61
CA GLY B 3 4.59 26.55 1.87
C GLY B 3 6.03 26.31 2.30
N ASN B 4 6.20 25.73 3.49
CA ASN B 4 7.53 25.44 4.01
C ASN B 4 8.16 24.25 3.29
N LEU B 5 7.34 23.47 2.59
CA LEU B 5 7.84 22.30 1.88
C LEU B 5 9.04 22.60 0.98
N LYS B 6 10.07 21.78 1.11
CA LYS B 6 11.27 21.94 0.28
C LYS B 6 11.09 21.07 -0.95
N PRO B 7 11.65 21.48 -2.09
CA PRO B 7 11.50 20.64 -3.29
C PRO B 7 12.29 19.33 -3.13
N GLN B 8 11.72 18.23 -3.63
CA GLN B 8 12.37 16.92 -3.53
C GLN B 8 12.96 16.44 -4.87
N ALA B 9 14.07 15.70 -4.79
CA ALA B 9 14.75 15.17 -5.98
C ALA B 9 13.98 14.03 -6.66
N PRO B 10 13.75 14.14 -7.97
CA PRO B 10 13.04 13.16 -8.81
C PRO B 10 13.73 11.81 -8.97
N ASP B 11 12.92 10.78 -9.26
CA ASP B 11 13.42 9.42 -9.47
C ASP B 11 14.06 9.36 -10.85
N LYS B 12 15.38 9.47 -10.89
CA LYS B 12 16.15 9.44 -12.14
C LYS B 12 15.67 8.41 -13.18
N ILE B 13 15.56 7.15 -12.77
CA ILE B 13 15.14 6.07 -13.67
C ILE B 13 13.76 6.33 -14.30
N LEU B 14 12.83 6.83 -13.50
CA LEU B 14 11.49 7.12 -13.99
C LEU B 14 11.49 8.41 -14.79
N ALA B 15 12.37 9.34 -14.43
CA ALA B 15 12.47 10.62 -15.14
C ALA B 15 13.01 10.34 -16.55
N LEU B 16 13.87 9.33 -16.66
CA LEU B 16 14.46 8.94 -17.94
C LEU B 16 13.36 8.80 -18.98
N MET B 17 12.33 8.02 -18.64
CA MET B 17 11.21 7.79 -19.55
C MET B 17 10.50 9.09 -19.91
N GLY B 18 10.70 10.12 -19.10
CA GLY B 18 10.09 11.42 -19.36
C GLY B 18 10.52 11.94 -20.71
N GLU B 19 11.80 11.75 -21.03
CA GLU B 19 12.35 12.20 -22.32
C GLU B 19 12.16 11.10 -23.36
N PHE B 20 10.91 10.68 -23.55
CA PHE B 20 10.58 9.62 -24.51
C PHE B 20 9.10 9.71 -24.85
N GLY B 27 14.82 5.45 -34.62
CA GLY B 27 14.24 6.62 -33.98
C GLY B 27 14.50 6.60 -32.48
N LYS B 28 13.42 6.61 -31.70
CA LYS B 28 13.52 6.59 -30.25
C LYS B 28 13.69 5.15 -29.76
N ILE B 29 14.78 4.88 -29.06
CA ILE B 29 15.04 3.54 -28.52
C ILE B 29 15.12 3.60 -26.99
N ASP B 30 14.10 3.06 -26.33
CA ASP B 30 14.04 3.05 -24.87
C ASP B 30 14.70 1.81 -24.29
N LEU B 31 15.81 2.03 -23.61
CA LEU B 31 16.56 0.95 -22.96
C LEU B 31 16.67 1.32 -21.49
N GLY B 32 15.65 2.00 -20.98
CA GLY B 32 15.67 2.44 -19.59
C GLY B 32 14.98 1.58 -18.56
N VAL B 33 13.76 1.96 -18.21
CA VAL B 33 12.98 1.27 -17.18
C VAL B 33 12.96 -0.26 -17.30
N GLY B 34 13.27 -0.89 -16.18
CA GLY B 34 13.34 -2.34 -16.11
C GLY B 34 12.04 -3.12 -16.14
N VAL B 35 11.42 -3.15 -17.29
CA VAL B 35 10.17 -3.87 -17.50
C VAL B 35 10.43 -4.74 -18.73
N TYR B 36 9.80 -5.91 -18.80
CA TYR B 36 9.99 -6.77 -19.96
C TYR B 36 9.14 -6.25 -21.13
N LYS B 37 9.64 -6.42 -22.34
CA LYS B 37 8.94 -6.00 -23.54
C LYS B 37 9.15 -7.03 -24.65
N ASP B 38 8.11 -7.30 -25.44
CA ASP B 38 8.23 -8.26 -26.53
C ASP B 38 8.79 -7.60 -27.80
N ALA B 39 9.00 -8.42 -28.83
CA ALA B 39 9.55 -7.98 -30.12
C ALA B 39 8.92 -6.72 -30.71
N THR B 40 7.68 -6.43 -30.31
CA THR B 40 6.99 -5.24 -30.80
C THR B 40 6.94 -4.11 -29.76
N GLY B 41 7.87 -4.14 -28.81
CA GLY B 41 7.93 -3.12 -27.78
C GLY B 41 6.74 -3.01 -26.85
N HIS B 42 6.05 -4.12 -26.58
CA HIS B 42 4.91 -4.07 -25.68
C HIS B 42 5.16 -4.95 -24.46
N THR B 43 4.56 -4.59 -23.33
CA THR B 43 4.68 -5.37 -22.12
C THR B 43 3.33 -6.06 -22.00
N PRO B 44 3.22 -7.30 -22.51
CA PRO B 44 1.97 -8.04 -22.45
C PRO B 44 1.58 -8.56 -21.07
N ILE B 45 0.35 -9.04 -20.97
CA ILE B 45 -0.16 -9.62 -19.74
C ILE B 45 0.03 -11.12 -19.98
N MET B 46 0.55 -11.82 -18.99
CA MET B 46 0.77 -13.26 -19.13
C MET B 46 -0.53 -14.04 -19.16
N ARG B 47 -0.58 -15.06 -20.02
CA ARG B 47 -1.77 -15.91 -20.18
C ARG B 47 -2.38 -16.40 -18.86
N ALA B 48 -1.57 -17.00 -18.02
CA ALA B 48 -2.02 -17.51 -16.73
C ALA B 48 -2.60 -16.38 -15.89
N VAL B 49 -1.95 -15.23 -15.93
CA VAL B 49 -2.42 -14.08 -15.17
C VAL B 49 -3.82 -13.68 -15.64
N HIS B 50 -3.98 -13.60 -16.95
CA HIS B 50 -5.26 -13.22 -17.51
C HIS B 50 -6.35 -14.23 -17.16
N ALA B 51 -6.01 -15.51 -17.23
CA ALA B 51 -6.93 -16.60 -16.91
C ALA B 51 -7.32 -16.55 -15.45
N ALA B 52 -6.37 -16.20 -14.60
CA ALA B 52 -6.59 -16.11 -13.16
C ALA B 52 -7.63 -15.03 -12.89
N GLU B 53 -7.48 -13.88 -13.53
CA GLU B 53 -8.41 -12.77 -13.35
C GLU B 53 -9.83 -13.14 -13.74
N GLN B 54 -9.97 -13.89 -14.82
CA GLN B 54 -11.28 -14.34 -15.31
C GLN B 54 -11.91 -15.29 -14.28
N ARG B 55 -11.10 -16.21 -13.76
CA ARG B 55 -11.59 -17.16 -12.76
C ARG B 55 -11.99 -16.37 -11.52
N MET B 56 -11.16 -15.39 -11.16
CA MET B 56 -11.41 -14.53 -10.01
C MET B 56 -12.72 -13.77 -10.18
N LEU B 57 -13.00 -13.34 -11.41
CA LEU B 57 -14.23 -12.60 -11.69
C LEU B 57 -15.48 -13.42 -11.40
N GLU B 58 -15.37 -14.73 -11.57
CA GLU B 58 -16.51 -15.61 -11.36
C GLU B 58 -16.62 -16.16 -9.95
N THR B 59 -15.50 -16.29 -9.26
CA THR B 59 -15.50 -16.87 -7.92
C THR B 59 -15.65 -15.94 -6.73
N GLU B 60 -15.20 -14.71 -6.84
CA GLU B 60 -15.29 -13.77 -5.73
C GLU B 60 -16.70 -13.24 -5.52
N THR B 61 -17.22 -13.42 -4.31
CA THR B 61 -18.56 -12.96 -3.99
C THR B 61 -18.59 -11.72 -3.09
N THR B 62 -17.47 -11.43 -2.42
CA THR B 62 -17.39 -10.26 -1.54
C THR B 62 -16.03 -9.63 -1.69
N LYS B 63 -15.89 -8.45 -1.10
CA LYS B 63 -14.63 -7.69 -1.11
C LYS B 63 -14.38 -7.10 0.27
N THR B 64 -14.94 -7.72 1.30
CA THR B 64 -14.77 -7.27 2.69
C THR B 64 -13.32 -7.28 3.07
N TYR B 65 -13.01 -6.66 4.20
CA TYR B 65 -11.65 -6.65 4.69
C TYR B 65 -11.21 -8.10 4.90
N ALA B 66 -9.95 -8.37 4.65
CA ALA B 66 -9.40 -9.72 4.79
C ALA B 66 -8.20 -9.69 5.73
N GLY B 67 -7.20 -10.52 5.44
CA GLY B 67 -6.01 -10.61 6.29
C GLY B 67 -5.11 -9.39 6.28
N LEU B 68 -4.64 -9.02 7.47
CA LEU B 68 -3.75 -7.87 7.63
C LEU B 68 -2.33 -8.16 7.14
N SER B 69 -1.95 -9.44 7.16
CA SER B 69 -0.63 -9.88 6.71
C SER B 69 -0.70 -10.59 5.35
N GLY B 70 -1.86 -10.53 4.71
CA GLY B 70 -2.03 -11.19 3.44
C GLY B 70 -2.83 -12.46 3.65
N GLU B 71 -3.22 -13.12 2.57
CA GLU B 71 -4.00 -14.35 2.67
C GLU B 71 -3.10 -15.56 2.83
N PRO B 72 -3.51 -16.50 3.69
CA PRO B 72 -2.73 -17.72 3.93
C PRO B 72 -2.26 -18.38 2.62
N GLU B 73 -3.13 -18.47 1.63
CA GLU B 73 -2.78 -19.08 0.34
C GLU B 73 -1.61 -18.36 -0.32
N PHE B 74 -1.66 -17.03 -0.33
CA PHE B 74 -0.60 -16.23 -0.94
C PHE B 74 0.71 -16.45 -0.19
N GLN B 75 0.65 -16.30 1.13
CA GLN B 75 1.81 -16.46 1.99
C GLN B 75 2.49 -17.81 1.81
N LYS B 76 1.68 -18.87 1.69
CA LYS B 76 2.20 -20.22 1.53
C LYS B 76 2.82 -20.43 0.14
N ALA B 77 2.11 -20.00 -0.90
CA ALA B 77 2.59 -20.13 -2.27
C ALA B 77 3.92 -19.41 -2.46
N MET B 78 4.02 -18.22 -1.89
CA MET B 78 5.23 -17.43 -1.99
C MET B 78 6.42 -18.05 -1.26
N GLY B 79 6.18 -18.52 -0.04
CA GLY B 79 7.24 -19.14 0.73
C GLY B 79 7.77 -20.38 0.02
N GLU B 80 6.86 -21.16 -0.55
CA GLU B 80 7.24 -22.37 -1.29
C GLU B 80 7.99 -22.02 -2.57
N LEU B 81 7.50 -21.01 -3.27
CA LEU B 81 8.14 -20.57 -4.50
C LEU B 81 9.58 -20.16 -4.23
N ILE B 82 9.78 -19.40 -3.16
CA ILE B 82 11.11 -18.89 -2.84
C ILE B 82 12.06 -19.89 -2.19
N LEU B 83 11.63 -20.53 -1.11
CA LEU B 83 12.49 -21.46 -0.39
C LEU B 83 12.32 -22.93 -0.73
N GLY B 84 11.27 -23.26 -1.48
CA GLY B 84 11.02 -24.63 -1.84
C GLY B 84 10.86 -25.48 -0.60
N ASP B 85 11.52 -26.64 -0.59
CA ASP B 85 11.45 -27.55 0.55
C ASP B 85 12.21 -27.08 1.76
N GLY B 86 12.93 -25.98 1.61
CA GLY B 86 13.68 -25.42 2.72
C GLY B 86 12.76 -24.50 3.52
N LEU B 87 11.45 -24.62 3.34
CA LEU B 87 10.49 -23.79 4.03
C LEU B 87 10.03 -24.38 5.37
N LYS B 88 10.61 -23.87 6.46
CA LYS B 88 10.26 -24.29 7.80
C LYS B 88 9.22 -23.31 8.31
N SER B 89 7.96 -23.53 7.96
CA SER B 89 6.88 -22.65 8.38
C SER B 89 6.85 -22.31 9.88
N GLU B 90 7.35 -23.23 10.70
CA GLU B 90 7.37 -23.02 12.14
C GLU B 90 8.18 -21.80 12.57
N THR B 91 9.19 -21.44 11.78
CA THR B 91 10.01 -20.31 12.12
C THR B 91 10.00 -19.21 11.06
N THR B 92 9.03 -19.24 10.15
CA THR B 92 8.96 -18.24 9.11
C THR B 92 7.73 -17.36 9.29
N ALA B 93 7.94 -16.04 9.20
CA ALA B 93 6.86 -15.06 9.31
C ALA B 93 6.70 -14.48 7.90
N THR B 94 5.47 -14.25 7.48
CA THR B 94 5.21 -13.72 6.15
C THR B 94 4.34 -12.46 6.22
N LEU B 95 4.54 -11.54 5.29
CA LEU B 95 3.78 -10.30 5.28
C LEU B 95 3.56 -9.85 3.84
N ALA B 96 2.30 -9.78 3.42
CA ALA B 96 1.96 -9.32 2.07
C ALA B 96 2.23 -7.82 2.08
N THR B 97 2.78 -7.29 0.98
CA THR B 97 3.12 -5.88 0.91
C THR B 97 2.75 -5.21 -0.41
N VAL B 98 2.97 -3.91 -0.49
CA VAL B 98 2.68 -3.16 -1.71
C VAL B 98 3.92 -3.24 -2.61
N GLY B 99 4.05 -4.36 -3.30
CA GLY B 99 5.17 -4.60 -4.19
C GLY B 99 6.43 -4.96 -3.43
N GLY B 100 7.51 -5.19 -4.18
CA GLY B 100 8.78 -5.51 -3.58
C GLY B 100 9.35 -4.32 -2.84
N THR B 101 9.09 -3.12 -3.34
CA THR B 101 9.59 -1.91 -2.69
C THR B 101 8.95 -1.83 -1.30
N GLY B 102 7.65 -2.12 -1.24
CA GLY B 102 6.95 -2.11 0.04
C GLY B 102 7.59 -3.13 0.97
N ALA B 103 7.89 -4.32 0.47
CA ALA B 103 8.53 -5.37 1.27
C ALA B 103 9.86 -4.85 1.81
N LEU B 104 10.58 -4.10 0.98
CA LEU B 104 11.86 -3.53 1.36
C LEU B 104 11.72 -2.54 2.52
N ARG B 105 10.82 -1.59 2.36
CA ARG B 105 10.57 -0.59 3.38
C ARG B 105 10.22 -1.24 4.72
N GLN B 106 9.29 -2.19 4.69
CA GLN B 106 8.86 -2.90 5.90
C GLN B 106 10.02 -3.67 6.52
N ALA B 107 10.93 -4.16 5.67
CA ALA B 107 12.11 -4.90 6.12
C ALA B 107 13.03 -4.01 6.96
N LEU B 108 13.23 -2.78 6.48
CA LEU B 108 14.09 -1.81 7.17
C LEU B 108 13.45 -1.31 8.47
N GLU B 109 12.13 -1.13 8.45
CA GLU B 109 11.39 -0.69 9.62
C GLU B 109 11.45 -1.75 10.72
N LEU B 110 11.24 -3.01 10.33
CA LEU B 110 11.27 -4.14 11.26
C LEU B 110 12.65 -4.25 11.90
N ALA B 111 13.67 -4.27 11.06
CA ALA B 111 15.05 -4.35 11.53
C ALA B 111 15.40 -3.19 12.45
N ARG B 112 14.89 -1.99 12.13
CA ARG B 112 15.17 -0.82 12.96
C ARG B 112 14.49 -0.89 14.32
N MET B 113 13.34 -1.58 14.39
CA MET B 113 12.65 -1.72 15.66
C MET B 113 13.46 -2.65 16.55
N ALA B 114 14.03 -3.68 15.91
CA ALA B 114 14.84 -4.67 16.60
C ALA B 114 16.20 -4.11 16.98
N ASN B 115 16.76 -3.27 16.11
CA ASN B 115 18.05 -2.68 16.35
C ASN B 115 18.08 -1.22 15.94
N PRO B 116 17.89 -0.32 16.92
CA PRO B 116 17.89 1.11 16.66
C PRO B 116 19.26 1.59 16.21
N ASP B 117 20.30 0.79 16.47
CA ASP B 117 21.66 1.14 16.08
C ASP B 117 22.16 0.38 14.85
N LEU B 118 21.28 0.12 13.88
CA LEU B 118 21.70 -0.64 12.70
C LEU B 118 22.24 0.19 11.54
N ARG B 119 23.17 -0.42 10.82
CA ARG B 119 23.79 0.20 9.66
C ARG B 119 23.47 -0.76 8.53
N VAL B 120 23.40 -0.24 7.30
CA VAL B 120 23.10 -1.08 6.15
C VAL B 120 24.25 -1.05 5.16
N PHE B 121 24.65 -2.23 4.70
CA PHE B 121 25.71 -2.37 3.72
C PHE B 121 25.02 -2.64 2.39
N VAL B 122 25.37 -1.87 1.36
CA VAL B 122 24.79 -2.06 0.04
C VAL B 122 25.90 -2.22 -0.97
N SER B 123 25.59 -2.85 -2.09
CA SER B 123 26.59 -3.08 -3.12
C SER B 123 26.90 -1.85 -3.95
N ASP B 124 28.16 -1.76 -4.36
CA ASP B 124 28.62 -0.69 -5.20
C ASP B 124 28.78 -1.26 -6.61
N PRO B 125 27.82 -0.97 -7.51
CA PRO B 125 26.63 -0.14 -7.32
C PRO B 125 25.41 -0.98 -6.97
N THR B 126 24.30 -0.29 -6.72
CA THR B 126 23.04 -0.96 -6.39
C THR B 126 21.86 -0.13 -6.88
N TRP B 127 20.68 -0.72 -6.75
CA TRP B 127 19.43 -0.08 -7.15
C TRP B 127 19.37 1.24 -6.38
N PRO B 128 19.29 2.37 -7.08
CA PRO B 128 19.22 3.70 -6.48
C PRO B 128 18.11 3.87 -5.45
N ASN B 129 16.98 3.19 -5.67
CA ASN B 129 15.87 3.26 -4.74
C ASN B 129 16.21 2.68 -3.38
N HIS B 130 17.29 1.89 -3.31
CA HIS B 130 17.71 1.32 -2.03
C HIS B 130 18.27 2.43 -1.17
N VAL B 131 19.13 3.26 -1.74
CA VAL B 131 19.76 4.35 -0.99
C VAL B 131 18.78 5.47 -0.66
N SER B 132 17.87 5.78 -1.58
CA SER B 132 16.89 6.84 -1.34
C SER B 132 16.01 6.51 -0.15
N ILE B 133 15.53 5.27 -0.08
CA ILE B 133 14.68 4.85 1.02
C ILE B 133 15.46 4.90 2.33
N MET B 134 16.70 4.44 2.31
CA MET B 134 17.53 4.45 3.50
C MET B 134 17.85 5.87 3.95
N ASN B 135 18.07 6.77 2.98
CA ASN B 135 18.34 8.16 3.30
C ASN B 135 17.11 8.73 3.98
N PHE B 136 15.96 8.52 3.35
CA PHE B 136 14.69 8.99 3.87
C PHE B 136 14.49 8.54 5.32
N MET B 137 14.76 7.28 5.60
CA MET B 137 14.60 6.74 6.97
C MET B 137 15.69 7.25 7.90
N GLY B 138 16.76 7.78 7.32
CA GLY B 138 17.86 8.29 8.12
C GLY B 138 18.83 7.22 8.60
N LEU B 139 18.89 6.11 7.87
CA LEU B 139 19.77 5.01 8.22
C LEU B 139 21.18 5.15 7.64
N PRO B 140 22.19 4.81 8.44
CA PRO B 140 23.61 4.88 8.02
C PRO B 140 23.85 3.84 6.93
N VAL B 141 24.42 4.26 5.81
CA VAL B 141 24.68 3.36 4.70
C VAL B 141 26.16 3.22 4.33
N GLN B 142 26.64 1.97 4.36
CA GLN B 142 28.01 1.66 3.98
C GLN B 142 27.92 0.78 2.75
N THR B 143 28.89 0.92 1.86
CA THR B 143 28.88 0.13 0.64
C THR B 143 29.99 -0.91 0.61
N TYR B 144 29.76 -1.99 -0.13
CA TYR B 144 30.75 -3.02 -0.29
C TYR B 144 30.99 -3.16 -1.79
N ARG B 145 32.25 -3.36 -2.15
CA ARG B 145 32.63 -3.52 -3.56
C ARG B 145 31.89 -4.72 -4.14
N TYR B 146 31.48 -4.60 -5.39
CA TYR B 146 30.75 -5.67 -6.04
C TYR B 146 31.05 -5.74 -7.53
N PHE B 147 30.89 -4.62 -8.22
CA PHE B 147 31.14 -4.59 -9.66
C PHE B 147 32.60 -4.28 -9.99
N ASP B 148 33.18 -5.06 -10.91
CA ASP B 148 34.56 -4.84 -11.34
C ASP B 148 34.46 -4.02 -12.61
N ALA B 149 34.65 -2.71 -12.47
CA ALA B 149 34.57 -1.77 -13.58
C ALA B 149 35.22 -2.18 -14.91
N GLU B 150 36.36 -2.86 -14.83
CA GLU B 150 37.06 -3.26 -16.04
C GLU B 150 36.67 -4.62 -16.65
N THR B 151 36.43 -5.61 -15.79
CA THR B 151 36.06 -6.95 -16.26
C THR B 151 34.55 -7.11 -16.38
N ARG B 152 33.81 -6.13 -15.87
CA ARG B 152 32.36 -6.16 -15.87
C ARG B 152 31.85 -7.43 -15.20
N GLY B 153 32.59 -7.88 -14.20
CA GLY B 153 32.20 -9.06 -13.46
C GLY B 153 32.12 -8.64 -12.01
N VAL B 154 32.19 -9.60 -11.10
CA VAL B 154 32.12 -9.29 -9.69
C VAL B 154 33.53 -9.20 -9.11
N ASP B 155 33.76 -8.16 -8.30
CA ASP B 155 35.05 -8.01 -7.63
C ASP B 155 34.83 -8.76 -6.31
N PHE B 156 34.93 -10.08 -6.36
CA PHE B 156 34.70 -10.92 -5.19
C PHE B 156 35.66 -10.74 -4.02
N GLU B 157 36.95 -10.59 -4.30
CA GLU B 157 37.90 -10.39 -3.22
C GLU B 157 37.58 -9.12 -2.48
N GLY B 158 37.27 -8.06 -3.23
CA GLY B 158 36.92 -6.78 -2.62
C GLY B 158 35.65 -6.87 -1.80
N MET B 159 34.68 -7.64 -2.31
CA MET B 159 33.40 -7.83 -1.64
C MET B 159 33.60 -8.52 -0.29
N LYS B 160 34.41 -9.59 -0.29
CA LYS B 160 34.68 -10.34 0.94
C LYS B 160 35.34 -9.47 1.99
N ALA B 161 36.33 -8.69 1.56
CA ALA B 161 37.06 -7.81 2.46
C ALA B 161 36.14 -6.81 3.14
N ASP B 162 35.29 -6.17 2.36
CA ASP B 162 34.36 -5.18 2.89
C ASP B 162 33.31 -5.80 3.79
N LEU B 163 32.76 -6.94 3.38
CA LEU B 163 31.72 -7.60 4.16
C LEU B 163 32.24 -8.08 5.52
N ALA B 164 33.52 -8.40 5.58
CA ALA B 164 34.14 -8.86 6.82
C ALA B 164 34.15 -7.76 7.87
N ALA B 165 34.15 -6.51 7.41
CA ALA B 165 34.15 -5.34 8.29
C ALA B 165 32.83 -5.16 9.04
N ALA B 166 31.80 -5.90 8.62
CA ALA B 166 30.49 -5.81 9.23
C ALA B 166 30.54 -6.25 10.69
N LYS B 167 29.48 -5.93 11.43
CA LYS B 167 29.40 -6.28 12.83
C LYS B 167 28.05 -6.88 13.12
N LYS B 168 27.92 -7.49 14.30
CA LYS B 168 26.67 -8.10 14.71
C LYS B 168 25.66 -6.99 14.80
N GLY B 169 24.51 -7.18 14.17
CA GLY B 169 23.47 -6.16 14.21
C GLY B 169 23.37 -5.40 12.92
N ASP B 170 24.41 -5.45 12.10
CA ASP B 170 24.41 -4.76 10.81
C ASP B 170 23.60 -5.58 9.83
N MET B 171 23.10 -4.92 8.80
CA MET B 171 22.30 -5.56 7.79
C MET B 171 23.06 -5.51 6.46
N VAL B 172 23.13 -6.64 5.79
CA VAL B 172 23.81 -6.72 4.50
C VAL B 172 22.72 -6.95 3.46
N LEU B 173 22.64 -6.06 2.49
CA LEU B 173 21.64 -6.17 1.44
C LEU B 173 22.24 -6.84 0.21
N LEU B 174 21.75 -8.04 -0.09
CA LEU B 174 22.22 -8.81 -1.25
C LEU B 174 21.09 -8.97 -2.25
N HIS B 175 21.41 -8.86 -3.55
CA HIS B 175 20.42 -9.07 -4.60
C HIS B 175 20.44 -10.58 -4.76
N GLY B 176 19.28 -11.24 -4.69
CA GLY B 176 19.23 -12.69 -4.81
C GLY B 176 19.68 -13.27 -6.14
N CYS B 177 19.45 -12.51 -7.20
CA CYS B 177 19.82 -12.91 -8.56
C CYS B 177 19.66 -11.67 -9.42
N CYS B 178 19.94 -11.81 -10.71
CA CYS B 178 19.82 -10.71 -11.69
C CYS B 178 20.06 -9.32 -11.10
N HIS B 179 21.32 -9.08 -10.74
CA HIS B 179 21.74 -7.84 -10.11
C HIS B 179 21.41 -6.58 -10.92
N ASN B 180 20.61 -5.72 -10.30
CA ASN B 180 20.20 -4.45 -10.89
C ASN B 180 21.14 -3.44 -10.23
N PRO B 181 21.83 -2.60 -11.03
CA PRO B 181 21.88 -2.41 -12.48
C PRO B 181 22.99 -3.06 -13.31
N THR B 182 23.90 -3.82 -12.67
CA THR B 182 25.04 -4.40 -13.39
C THR B 182 24.87 -5.60 -14.29
N GLY B 183 24.08 -6.56 -13.86
CA GLY B 183 23.90 -7.76 -14.64
C GLY B 183 24.90 -8.82 -14.20
N ALA B 184 25.84 -8.43 -13.32
CA ALA B 184 26.86 -9.33 -12.78
C ALA B 184 26.28 -10.08 -11.58
N ASN B 185 26.51 -11.39 -11.51
CA ASN B 185 25.96 -12.20 -10.43
C ASN B 185 26.93 -13.19 -9.81
N LEU B 186 26.74 -13.45 -8.52
CA LEU B 186 27.57 -14.39 -7.79
C LEU B 186 27.23 -15.84 -8.15
N THR B 187 28.23 -16.71 -8.11
CA THR B 187 28.03 -18.13 -8.37
C THR B 187 27.68 -18.78 -7.04
N LEU B 188 27.23 -20.02 -7.07
CA LEU B 188 26.84 -20.70 -5.84
C LEU B 188 28.02 -20.95 -4.90
N ASP B 189 29.22 -20.99 -5.46
CA ASP B 189 30.42 -21.20 -4.67
C ASP B 189 30.79 -19.91 -3.96
N GLN B 190 30.45 -18.79 -4.58
CA GLN B 190 30.71 -17.49 -3.98
C GLN B 190 29.68 -17.25 -2.88
N TRP B 191 28.46 -17.73 -3.10
CA TRP B 191 27.39 -17.60 -2.12
C TRP B 191 27.74 -18.31 -0.81
N ALA B 192 28.35 -19.48 -0.91
CA ALA B 192 28.75 -20.25 0.27
C ALA B 192 29.77 -19.46 1.07
N GLU B 193 30.73 -18.85 0.38
CA GLU B 193 31.74 -18.02 1.05
C GLU B 193 31.08 -16.84 1.76
N ILE B 194 30.12 -16.21 1.09
CA ILE B 194 29.41 -15.08 1.68
C ILE B 194 28.68 -15.53 2.94
N ALA B 195 28.10 -16.73 2.89
CA ALA B 195 27.40 -17.27 4.03
C ALA B 195 28.39 -17.42 5.20
N SER B 196 29.62 -17.78 4.89
CA SER B 196 30.67 -17.94 5.90
C SER B 196 30.92 -16.63 6.61
N ILE B 197 31.17 -15.59 5.83
CA ILE B 197 31.43 -14.25 6.35
C ILE B 197 30.28 -13.75 7.24
N LEU B 198 29.05 -13.86 6.73
CA LEU B 198 27.86 -13.42 7.45
C LEU B 198 27.72 -14.13 8.79
N GLU B 199 27.85 -15.45 8.77
CA GLU B 199 27.74 -16.28 9.96
C GLU B 199 28.73 -15.82 11.03
N LYS B 200 29.99 -15.68 10.61
CA LYS B 200 31.08 -15.25 11.49
C LYS B 200 30.80 -13.89 12.13
N THR B 201 30.38 -12.93 11.30
CA THR B 201 30.11 -11.56 11.74
C THR B 201 28.79 -11.38 12.48
N GLY B 202 27.84 -12.28 12.26
CA GLY B 202 26.55 -12.18 12.89
C GLY B 202 25.70 -11.12 12.21
N ALA B 203 26.00 -10.83 10.95
CA ALA B 203 25.26 -9.84 10.19
C ALA B 203 23.97 -10.43 9.62
N LEU B 204 22.88 -9.66 9.70
CA LEU B 204 21.58 -10.09 9.20
C LEU B 204 21.47 -9.77 7.72
N PRO B 205 21.31 -10.79 6.87
CA PRO B 205 21.20 -10.48 5.45
C PRO B 205 19.75 -10.20 5.03
N LEU B 206 19.59 -9.19 4.18
CA LEU B 206 18.29 -8.82 3.65
C LEU B 206 18.46 -9.13 2.17
N ILE B 207 17.62 -10.02 1.66
CA ILE B 207 17.72 -10.40 0.27
C ILE B 207 16.63 -9.76 -0.57
N ASP B 208 17.06 -9.01 -1.58
CA ASP B 208 16.16 -8.35 -2.50
C ASP B 208 15.99 -9.28 -3.69
N LEU B 209 14.84 -9.96 -3.75
CA LEU B 209 14.54 -10.90 -4.82
C LEU B 209 13.44 -10.34 -5.69
N ALA B 210 13.82 -9.74 -6.82
CA ALA B 210 12.85 -9.14 -7.74
C ALA B 210 12.78 -9.76 -9.13
N TYR B 211 13.77 -10.56 -9.50
CA TYR B 211 13.79 -11.15 -10.83
C TYR B 211 13.94 -12.68 -10.85
N GLN B 212 13.29 -13.38 -9.93
CA GLN B 212 13.39 -14.83 -9.90
C GLN B 212 12.69 -15.38 -11.13
N GLY B 213 13.47 -15.99 -12.02
CA GLY B 213 12.93 -16.55 -13.23
C GLY B 213 13.53 -15.91 -14.48
N PHE B 214 14.24 -14.81 -14.30
CA PHE B 214 14.85 -14.11 -15.41
C PHE B 214 16.32 -14.42 -15.61
N GLY B 215 16.95 -15.07 -14.65
CA GLY B 215 18.35 -15.40 -14.78
C GLY B 215 18.59 -16.73 -15.46
N ASP B 216 18.62 -17.80 -14.67
CA ASP B 216 18.84 -19.15 -15.19
C ASP B 216 17.64 -20.09 -15.03
N GLY B 217 16.63 -19.63 -14.30
CA GLY B 217 15.44 -20.45 -14.12
C GLY B 217 14.81 -20.16 -12.77
N LEU B 218 13.54 -20.52 -12.62
CA LEU B 218 12.83 -20.29 -11.36
C LEU B 218 13.56 -20.85 -10.15
N GLU B 219 13.81 -22.15 -10.16
CA GLU B 219 14.50 -22.82 -9.07
C GLU B 219 15.95 -22.36 -8.96
N GLU B 220 16.65 -22.36 -10.09
CA GLU B 220 18.06 -21.96 -10.11
C GLU B 220 18.34 -20.56 -9.59
N ASP B 221 17.43 -19.63 -9.83
CA ASP B 221 17.63 -18.26 -9.38
C ASP B 221 17.45 -18.10 -7.86
N ALA B 222 16.78 -19.07 -7.24
CA ALA B 222 16.56 -19.05 -5.79
C ALA B 222 17.64 -19.84 -5.05
N ALA B 223 18.57 -20.44 -5.82
CA ALA B 223 19.64 -21.25 -5.25
C ALA B 223 20.43 -20.52 -4.18
N GLY B 224 20.87 -19.30 -4.48
CA GLY B 224 21.64 -18.55 -3.51
C GLY B 224 20.87 -18.25 -2.25
N THR B 225 19.64 -17.79 -2.41
CA THR B 225 18.78 -17.45 -1.28
C THR B 225 18.55 -18.67 -0.38
N ARG B 226 18.35 -19.83 -0.99
CA ARG B 226 18.13 -21.06 -0.25
C ARG B 226 19.37 -21.49 0.54
N LEU B 227 20.55 -21.23 -0.01
CA LEU B 227 21.81 -21.56 0.66
C LEU B 227 21.98 -20.72 1.93
N ILE B 228 21.72 -19.42 1.83
CA ILE B 228 21.82 -18.51 2.98
C ILE B 228 20.77 -18.89 4.02
N ALA B 229 19.56 -19.20 3.56
CA ALA B 229 18.48 -19.56 4.46
C ALA B 229 18.79 -20.86 5.22
N SER B 230 19.57 -21.73 4.61
CA SER B 230 19.92 -22.99 5.25
C SER B 230 21.09 -22.88 6.21
N ARG B 231 21.88 -21.82 6.08
CA ARG B 231 23.02 -21.64 6.96
C ARG B 231 22.75 -20.62 8.06
N ILE B 232 22.31 -19.43 7.68
CA ILE B 232 22.05 -18.36 8.62
C ILE B 232 20.71 -18.55 9.32
N PRO B 233 20.73 -18.54 10.66
CA PRO B 233 19.53 -18.71 11.49
C PRO B 233 18.43 -17.65 11.33
N GLU B 234 18.82 -16.42 11.02
CA GLU B 234 17.86 -15.31 10.86
C GLU B 234 18.14 -14.59 9.53
N VAL B 235 17.11 -14.48 8.71
CA VAL B 235 17.26 -13.84 7.40
C VAL B 235 15.95 -13.18 6.94
N LEU B 236 16.07 -12.05 6.24
CA LEU B 236 14.93 -11.32 5.71
C LEU B 236 14.96 -11.38 4.19
N ILE B 237 13.82 -11.69 3.57
CA ILE B 237 13.74 -11.77 2.11
C ILE B 237 12.57 -10.91 1.62
N ALA B 238 12.86 -9.98 0.73
CA ALA B 238 11.85 -9.10 0.17
C ALA B 238 11.60 -9.55 -1.28
N ALA B 239 10.40 -10.06 -1.54
CA ALA B 239 10.10 -10.55 -2.87
C ALA B 239 9.11 -9.73 -3.69
N SER B 240 9.42 -9.57 -4.98
CA SER B 240 8.55 -8.84 -5.87
C SER B 240 7.95 -9.79 -6.88
N CYS B 241 6.66 -9.62 -7.16
CA CYS B 241 5.97 -10.43 -8.14
C CYS B 241 5.69 -9.57 -9.36
N SER B 242 6.18 -8.31 -9.32
CA SER B 242 5.97 -7.35 -10.40
C SER B 242 6.48 -7.80 -11.77
N LYS B 243 7.72 -8.28 -11.79
CA LYS B 243 8.33 -8.70 -13.03
C LYS B 243 8.09 -10.17 -13.44
N ASN B 244 8.28 -11.11 -12.53
CA ASN B 244 8.09 -12.51 -12.91
C ASN B 244 6.62 -12.91 -13.18
N PHE B 245 5.68 -12.08 -12.75
CA PHE B 245 4.25 -12.34 -13.02
C PHE B 245 3.69 -11.30 -14.00
N GLY B 246 4.47 -10.26 -14.29
CA GLY B 246 4.02 -9.22 -15.22
C GLY B 246 2.86 -8.39 -14.70
N ILE B 247 2.81 -8.20 -13.38
CA ILE B 247 1.73 -7.45 -12.74
C ILE B 247 2.26 -6.21 -12.02
N TYR B 248 3.16 -5.51 -12.69
CA TYR B 248 3.82 -4.30 -12.18
C TYR B 248 2.91 -3.33 -11.41
N ARG B 249 1.83 -2.89 -12.04
CA ARG B 249 0.90 -1.93 -11.44
C ARG B 249 -0.02 -2.43 -10.32
N GLU B 250 -0.13 -3.75 -10.16
CA GLU B 250 -0.99 -4.31 -9.11
C GLU B 250 -0.37 -4.12 -7.71
N ARG B 251 0.94 -3.99 -7.69
CA ARG B 251 1.68 -3.77 -6.46
C ARG B 251 1.55 -4.97 -5.53
N THR B 252 2.34 -6.00 -5.80
CA THR B 252 2.30 -7.19 -4.97
C THR B 252 3.68 -7.81 -4.77
N GLY B 253 3.95 -8.16 -3.51
CA GLY B 253 5.19 -8.78 -3.11
C GLY B 253 4.98 -9.20 -1.68
N CYS B 254 6.04 -9.64 -1.00
CA CYS B 254 5.90 -10.03 0.39
C CYS B 254 7.25 -10.08 1.10
N LEU B 255 7.22 -9.95 2.42
CA LEU B 255 8.41 -10.00 3.22
C LEU B 255 8.42 -11.30 4.01
N LEU B 256 9.53 -12.04 3.95
CA LEU B 256 9.67 -13.29 4.67
C LEU B 256 10.68 -13.05 5.78
N ALA B 257 10.32 -13.41 7.01
CA ALA B 257 11.21 -13.24 8.14
C ALA B 257 11.50 -14.63 8.72
N LEU B 258 12.70 -15.14 8.44
CA LEU B 258 13.10 -16.46 8.91
C LEU B 258 13.79 -16.32 10.27
N CYS B 259 13.24 -17.00 11.26
CA CYS B 259 13.73 -16.93 12.63
C CYS B 259 14.26 -18.27 13.17
N ALA B 260 15.11 -18.18 14.19
CA ALA B 260 15.71 -19.36 14.81
C ALA B 260 14.71 -20.24 15.57
N ASP B 261 13.53 -19.71 15.86
CA ASP B 261 12.50 -20.45 16.58
C ASP B 261 11.12 -19.83 16.48
N ALA B 262 10.09 -20.63 16.76
CA ALA B 262 8.70 -20.19 16.71
C ALA B 262 8.36 -19.04 17.65
N ALA B 263 9.08 -18.95 18.76
CA ALA B 263 8.86 -17.88 19.72
C ALA B 263 9.18 -16.54 19.08
N THR B 264 10.38 -16.44 18.50
CA THR B 264 10.79 -15.21 17.84
C THR B 264 9.92 -15.01 16.59
N ARG B 265 9.51 -16.10 15.97
CA ARG B 265 8.68 -16.05 14.79
C ARG B 265 7.36 -15.36 15.08
N GLU B 266 6.77 -15.68 16.22
CA GLU B 266 5.51 -15.07 16.60
C GLU B 266 5.71 -13.58 16.85
N LEU B 267 6.92 -13.22 17.29
CA LEU B 267 7.26 -11.83 17.55
C LEU B 267 7.29 -11.06 16.24
N ALA B 268 8.09 -11.55 15.30
CA ALA B 268 8.24 -10.91 13.99
C ALA B 268 6.90 -10.80 13.29
N GLN B 269 6.16 -11.90 13.27
CA GLN B 269 4.85 -11.95 12.63
C GLN B 269 3.93 -10.88 13.21
N GLY B 270 3.96 -10.72 14.53
CA GLY B 270 3.14 -9.73 15.19
C GLY B 270 3.57 -8.31 14.82
N ALA B 271 4.88 -8.08 14.83
CA ALA B 271 5.45 -6.77 14.50
C ALA B 271 5.27 -6.45 13.01
N MET B 272 5.27 -7.46 12.16
CA MET B 272 5.10 -7.25 10.73
C MET B 272 3.68 -6.79 10.44
N ALA B 273 2.70 -7.48 11.01
CA ALA B 273 1.30 -7.13 10.82
C ALA B 273 1.07 -5.69 11.29
N PHE B 274 1.55 -5.41 12.51
CA PHE B 274 1.46 -4.09 13.13
C PHE B 274 1.98 -3.03 12.15
N LEU B 275 3.07 -3.33 11.46
CA LEU B 275 3.68 -2.41 10.49
C LEU B 275 2.72 -2.09 9.34
N ASN B 276 1.93 -3.05 8.91
CA ASN B 276 0.97 -2.81 7.83
C ASN B 276 -0.17 -1.97 8.36
N ARG B 277 -0.69 -2.34 9.51
CA ARG B 277 -1.80 -1.66 10.15
C ARG B 277 -1.54 -0.15 10.25
N GLN B 278 -0.40 0.21 10.85
CA GLN B 278 0.01 1.58 11.04
C GLN B 278 0.49 2.32 9.78
N THR B 279 0.56 1.63 8.64
CA THR B 279 1.01 2.25 7.38
C THR B 279 -0.13 2.47 6.38
N TYR B 280 -0.95 1.45 6.15
CA TYR B 280 -2.06 1.53 5.21
C TYR B 280 -3.16 0.54 5.57
N SER B 281 -3.11 0.03 6.79
CA SER B 281 -4.10 -0.94 7.24
C SER B 281 -3.89 -2.26 6.46
N PHE B 282 -4.78 -2.57 5.53
CA PHE B 282 -4.64 -3.82 4.78
C PHE B 282 -3.86 -3.70 3.50
N PRO B 283 -3.19 -4.79 3.07
CA PRO B 283 -2.43 -4.78 1.82
C PRO B 283 -3.40 -5.03 0.65
N PRO B 284 -3.03 -4.61 -0.57
CA PRO B 284 -3.86 -4.81 -1.75
C PRO B 284 -4.07 -6.28 -2.12
N PHE B 285 -5.33 -6.67 -2.26
CA PHE B 285 -5.72 -8.04 -2.56
C PHE B 285 -5.63 -8.58 -3.99
N HIS B 286 -6.04 -7.79 -4.98
CA HIS B 286 -6.06 -8.26 -6.38
C HIS B 286 -4.82 -8.96 -6.93
N GLY B 287 -3.68 -8.31 -6.84
CA GLY B 287 -2.45 -8.90 -7.35
C GLY B 287 -2.04 -10.16 -6.60
N ALA B 288 -2.15 -10.15 -5.28
CA ALA B 288 -1.79 -11.32 -4.48
C ALA B 288 -2.72 -12.49 -4.79
N LYS B 289 -3.97 -12.19 -5.14
CA LYS B 289 -4.91 -13.25 -5.46
C LYS B 289 -4.54 -13.89 -6.79
N ILE B 290 -4.05 -13.07 -7.73
CA ILE B 290 -3.66 -13.62 -9.02
C ILE B 290 -2.47 -14.56 -8.83
N VAL B 291 -1.49 -14.11 -8.04
CA VAL B 291 -0.31 -14.92 -7.79
C VAL B 291 -0.65 -16.28 -7.18
N SER B 292 -1.44 -16.28 -6.10
CA SER B 292 -1.82 -17.53 -5.45
C SER B 292 -2.68 -18.42 -6.36
N THR B 293 -3.55 -17.81 -7.16
CA THR B 293 -4.39 -18.55 -8.08
C THR B 293 -3.52 -19.33 -9.06
N VAL B 294 -2.58 -18.63 -9.69
CA VAL B 294 -1.64 -19.22 -10.65
C VAL B 294 -0.79 -20.34 -10.04
N LEU B 295 -0.21 -20.07 -8.87
CA LEU B 295 0.64 -21.02 -8.17
C LEU B 295 -0.04 -22.27 -7.62
N THR B 296 -1.32 -22.18 -7.27
CA THR B 296 -2.01 -23.34 -6.72
C THR B 296 -2.87 -24.08 -7.74
N THR B 297 -2.89 -23.60 -8.97
CA THR B 297 -3.64 -24.22 -10.04
C THR B 297 -2.62 -24.82 -11.01
N PRO B 298 -2.29 -26.11 -10.85
CA PRO B 298 -1.31 -26.84 -11.67
C PRO B 298 -1.29 -26.46 -13.15
N GLU B 299 -2.45 -26.35 -13.78
CA GLU B 299 -2.52 -25.99 -15.18
C GLU B 299 -2.03 -24.56 -15.42
N LEU B 300 -2.42 -23.64 -14.54
CA LEU B 300 -1.99 -22.25 -14.65
C LEU B 300 -0.50 -22.14 -14.37
N ARG B 301 -0.06 -22.72 -13.25
CA ARG B 301 1.35 -22.72 -12.87
C ARG B 301 2.19 -23.23 -14.04
N ALA B 302 1.72 -24.31 -14.66
CA ALA B 302 2.41 -24.90 -15.79
C ALA B 302 2.59 -23.92 -16.96
N ASP B 303 1.54 -23.19 -17.32
CA ASP B 303 1.63 -22.24 -18.43
C ASP B 303 2.48 -21.02 -18.09
N TRP B 304 2.44 -20.61 -16.82
CA TRP B 304 3.22 -19.47 -16.36
C TRP B 304 4.70 -19.81 -16.41
N MET B 305 5.05 -21.00 -15.93
CA MET B 305 6.43 -21.45 -15.93
C MET B 305 6.93 -21.47 -17.37
N ALA B 306 6.07 -21.96 -18.28
CA ALA B 306 6.41 -22.04 -19.69
C ALA B 306 6.60 -20.66 -20.32
N GLU B 307 5.69 -19.75 -20.03
CA GLU B 307 5.79 -18.40 -20.58
C GLU B 307 7.03 -17.66 -20.05
N LEU B 308 7.31 -17.80 -18.76
CA LEU B 308 8.47 -17.17 -18.15
C LEU B 308 9.73 -17.74 -18.77
N GLU B 309 9.73 -19.06 -18.98
CA GLU B 309 10.85 -19.78 -19.59
C GLU B 309 11.17 -19.21 -20.97
N ALA B 310 10.12 -19.01 -21.75
CA ALA B 310 10.23 -18.45 -23.09
C ALA B 310 10.88 -17.07 -23.05
N VAL B 311 10.39 -16.22 -22.15
CA VAL B 311 10.93 -14.86 -21.96
C VAL B 311 12.42 -14.94 -21.64
N ARG B 312 12.74 -15.82 -20.70
CA ARG B 312 14.09 -16.08 -20.23
C ARG B 312 15.05 -16.38 -21.37
N SER B 313 14.75 -17.46 -22.10
CA SER B 313 15.59 -17.87 -23.22
C SER B 313 15.64 -16.84 -24.35
N GLY B 314 14.54 -16.12 -24.54
CA GLY B 314 14.49 -15.10 -25.56
C GLY B 314 15.53 -14.03 -25.29
N MET B 315 15.51 -13.47 -24.09
CA MET B 315 16.48 -12.44 -23.72
C MET B 315 17.90 -12.98 -23.83
N LEU B 316 18.08 -14.24 -23.43
CA LEU B 316 19.39 -14.88 -23.48
C LEU B 316 19.94 -14.84 -24.90
N ARG B 317 19.06 -15.08 -25.87
CA ARG B 317 19.43 -15.05 -27.27
C ARG B 317 19.83 -13.64 -27.69
N LEU B 318 19.06 -12.64 -27.26
CA LEU B 318 19.37 -11.25 -27.60
C LEU B 318 20.77 -10.88 -27.11
N ARG B 319 21.13 -11.31 -25.91
CA ARG B 319 22.45 -11.01 -25.37
C ARG B 319 23.51 -11.58 -26.30
N GLU B 320 23.30 -12.81 -26.75
CA GLU B 320 24.23 -13.48 -27.64
C GLU B 320 24.34 -12.71 -28.95
N GLN B 321 23.21 -12.19 -29.43
CA GLN B 321 23.22 -11.41 -30.66
C GLN B 321 24.04 -10.16 -30.46
N LEU B 322 23.86 -9.49 -29.32
CA LEU B 322 24.58 -8.26 -29.01
C LEU B 322 26.08 -8.50 -29.04
N ALA B 323 26.55 -9.48 -28.26
CA ALA B 323 27.97 -9.80 -28.20
C ALA B 323 28.51 -10.11 -29.60
N GLY B 324 27.78 -10.94 -30.34
CA GLY B 324 28.18 -11.33 -31.67
C GLY B 324 28.35 -10.16 -32.62
N GLU B 325 27.26 -9.42 -32.83
CA GLU B 325 27.26 -8.27 -33.72
C GLU B 325 28.40 -7.34 -33.34
N LEU B 326 28.60 -7.15 -32.04
CA LEU B 326 29.67 -6.27 -31.56
C LEU B 326 31.06 -6.80 -31.85
N ARG B 327 31.23 -8.12 -31.90
CA ARG B 327 32.54 -8.67 -32.21
C ARG B 327 32.81 -8.53 -33.71
N ASP B 328 31.74 -8.50 -34.50
CA ASP B 328 31.89 -8.30 -35.94
C ASP B 328 32.40 -6.87 -36.17
N LEU B 329 32.27 -6.03 -35.15
CA LEU B 329 32.71 -4.65 -35.21
C LEU B 329 33.98 -4.40 -34.40
N SER B 330 34.77 -5.42 -34.18
CA SER B 330 36.01 -5.26 -33.42
C SER B 330 36.93 -6.48 -33.48
N GLY B 331 36.33 -7.67 -33.43
CA GLY B 331 37.10 -8.90 -33.47
C GLY B 331 37.66 -9.18 -32.09
N SER B 332 37.35 -8.29 -31.16
CA SER B 332 37.82 -8.42 -29.79
C SER B 332 36.74 -9.01 -28.89
N ASP B 333 37.16 -9.62 -27.79
CA ASP B 333 36.22 -10.22 -26.84
C ASP B 333 35.97 -9.21 -25.70
N ARG B 334 36.12 -7.93 -26.01
CA ARG B 334 35.93 -6.87 -25.03
C ARG B 334 34.52 -6.84 -24.47
N PHE B 335 33.53 -6.90 -25.37
CA PHE B 335 32.14 -6.87 -24.96
C PHE B 335 31.58 -8.25 -24.66
N GLY B 336 32.46 -9.21 -24.41
CA GLY B 336 32.02 -10.57 -24.11
C GLY B 336 31.16 -10.63 -22.87
N PHE B 337 31.39 -9.71 -21.93
CA PHE B 337 30.63 -9.67 -20.69
C PHE B 337 29.12 -9.64 -20.92
N VAL B 338 28.69 -9.11 -22.05
CA VAL B 338 27.28 -9.04 -22.36
C VAL B 338 26.64 -10.42 -22.29
N ALA B 339 27.38 -11.43 -22.76
CA ALA B 339 26.89 -12.80 -22.75
C ALA B 339 26.90 -13.43 -21.35
N GLU B 340 27.88 -13.05 -20.54
CA GLU B 340 28.00 -13.58 -19.18
C GLU B 340 26.95 -13.05 -18.21
N HIS B 341 26.65 -11.76 -18.34
CA HIS B 341 25.67 -11.11 -17.50
C HIS B 341 24.34 -11.83 -17.56
N ARG B 342 23.68 -11.94 -16.42
CA ARG B 342 22.42 -12.65 -16.35
C ARG B 342 21.34 -11.73 -15.76
N GLY B 343 20.20 -11.68 -16.43
CA GLY B 343 19.12 -10.84 -15.96
C GLY B 343 18.59 -9.93 -17.05
N MET B 344 17.91 -8.87 -16.64
CA MET B 344 17.37 -7.92 -17.61
C MET B 344 18.35 -6.82 -17.96
N PHE B 345 19.27 -6.55 -17.03
CA PHE B 345 20.23 -5.48 -17.21
C PHE B 345 21.69 -5.85 -17.44
N SER B 346 22.43 -4.89 -17.94
CA SER B 346 23.84 -5.05 -18.23
C SER B 346 24.46 -3.65 -18.23
N ARG B 347 25.53 -3.47 -17.49
CA ARG B 347 26.20 -2.17 -17.45
C ARG B 347 27.37 -2.17 -18.41
N LEU B 348 27.29 -1.30 -19.41
CA LEU B 348 28.37 -1.17 -20.37
C LEU B 348 29.43 -0.30 -19.70
N GLY B 349 30.66 -0.32 -20.19
CA GLY B 349 31.68 0.49 -19.56
C GLY B 349 31.63 1.98 -19.92
N ALA B 350 30.53 2.42 -20.53
CA ALA B 350 30.40 3.80 -20.96
C ALA B 350 30.35 4.81 -19.83
N THR B 351 30.97 5.97 -20.05
CA THR B 351 31.01 7.06 -19.07
C THR B 351 29.83 7.99 -19.38
N PRO B 352 29.52 8.92 -18.46
CA PRO B 352 28.40 9.84 -18.68
C PRO B 352 28.42 10.64 -19.98
N GLU B 353 29.62 11.10 -20.39
CA GLU B 353 29.74 11.88 -21.62
C GLU B 353 29.36 11.01 -22.81
N GLN B 354 29.93 9.80 -22.85
CA GLN B 354 29.66 8.84 -23.91
C GLN B 354 28.17 8.53 -23.93
N VAL B 355 27.62 8.26 -22.75
CA VAL B 355 26.21 7.96 -22.59
C VAL B 355 25.37 9.05 -23.25
N LYS B 356 25.74 10.31 -22.98
CA LYS B 356 25.03 11.45 -23.54
C LYS B 356 25.15 11.49 -25.07
N ARG B 357 26.36 11.25 -25.57
CA ARG B 357 26.57 11.25 -27.02
C ARG B 357 25.65 10.23 -27.67
N ILE B 358 25.51 9.07 -27.01
CA ILE B 358 24.65 8.01 -27.51
C ILE B 358 23.20 8.50 -27.57
N LYS B 359 22.69 9.00 -26.45
CA LYS B 359 21.31 9.48 -26.38
C LYS B 359 21.02 10.64 -27.34
N GLU B 360 21.99 11.53 -27.51
CA GLU B 360 21.82 12.69 -28.37
C GLU B 360 22.10 12.45 -29.86
N GLU B 361 23.27 11.93 -30.19
CA GLU B 361 23.57 11.68 -31.60
C GLU B 361 23.23 10.28 -32.09
N PHE B 362 22.43 9.56 -31.32
CA PHE B 362 21.99 8.20 -31.69
C PHE B 362 20.54 7.92 -31.29
N GLY B 363 19.92 8.83 -30.55
CA GLY B 363 18.53 8.68 -30.16
C GLY B 363 18.15 7.50 -29.28
N ILE B 364 19.13 6.83 -28.71
CA ILE B 364 18.87 5.68 -27.85
C ILE B 364 19.05 6.05 -26.38
N TYR B 365 17.94 5.99 -25.65
CA TYR B 365 17.93 6.35 -24.23
C TYR B 365 18.11 5.21 -23.23
N MET B 366 19.24 5.24 -22.54
CA MET B 366 19.61 4.26 -21.53
C MET B 366 19.90 5.02 -20.24
N VAL B 367 19.87 4.34 -19.10
CA VAL B 367 20.13 5.00 -17.82
C VAL B 367 21.56 5.57 -17.85
N GLY B 368 21.71 6.79 -17.33
CA GLY B 368 22.98 7.48 -17.32
C GLY B 368 24.25 6.80 -16.87
N ASP B 369 24.17 5.54 -16.47
CA ASP B 369 25.36 4.81 -16.03
C ASP B 369 25.70 3.64 -16.95
N SER B 370 25.06 3.60 -18.11
CA SER B 370 25.27 2.56 -19.11
C SER B 370 24.38 1.35 -18.87
N ARG B 371 23.38 1.47 -18.00
CA ARG B 371 22.51 0.34 -17.76
C ARG B 371 21.55 0.26 -18.93
N ILE B 372 21.50 -0.90 -19.56
CA ILE B 372 20.59 -1.12 -20.67
C ILE B 372 19.71 -2.29 -20.34
N ASN B 373 18.46 -2.20 -20.78
CA ASN B 373 17.48 -3.26 -20.59
C ASN B 373 17.52 -4.04 -21.89
N ILE B 374 18.16 -5.20 -21.86
CA ILE B 374 18.30 -6.02 -23.06
C ILE B 374 16.98 -6.32 -23.74
N ALA B 375 15.90 -6.35 -22.96
CA ALA B 375 14.57 -6.62 -23.50
C ALA B 375 14.13 -5.55 -24.50
N GLY B 376 14.77 -4.39 -24.42
CA GLY B 376 14.47 -3.30 -25.33
C GLY B 376 15.08 -3.50 -26.70
N LEU B 377 16.17 -4.26 -26.75
CA LEU B 377 16.84 -4.52 -28.02
C LEU B 377 16.01 -5.51 -28.82
N ASN B 378 16.40 -5.70 -30.08
CA ASN B 378 15.74 -6.64 -30.98
C ASN B 378 16.61 -6.79 -32.20
N ASP B 379 16.17 -7.62 -33.14
CA ASP B 379 16.93 -7.87 -34.36
C ASP B 379 17.24 -6.61 -35.15
N ASN B 380 16.30 -5.67 -35.17
CA ASN B 380 16.47 -4.41 -35.89
C ASN B 380 17.38 -3.38 -35.23
N THR B 381 17.35 -3.31 -33.90
CA THR B 381 18.13 -2.31 -33.17
C THR B 381 19.50 -2.75 -32.65
N ILE B 382 19.71 -4.06 -32.50
CA ILE B 382 20.99 -4.56 -32.02
C ILE B 382 22.14 -4.07 -32.90
N PRO B 383 22.02 -4.19 -34.24
CA PRO B 383 23.09 -3.71 -35.12
C PRO B 383 23.33 -2.20 -34.92
N ILE B 384 22.23 -1.46 -34.79
CA ILE B 384 22.28 -0.02 -34.60
C ILE B 384 22.99 0.36 -33.29
N LEU B 385 22.58 -0.28 -32.19
CA LEU B 385 23.18 -0.03 -30.88
C LEU B 385 24.65 -0.48 -30.89
N ALA B 386 24.90 -1.61 -31.52
CA ALA B 386 26.25 -2.15 -31.63
C ALA B 386 27.11 -1.09 -32.30
N ARG B 387 26.58 -0.50 -33.37
CA ARG B 387 27.27 0.56 -34.10
C ARG B 387 27.47 1.76 -33.20
N ALA B 388 26.38 2.21 -32.57
CA ALA B 388 26.38 3.36 -31.68
C ALA B 388 27.50 3.35 -30.64
N ILE B 389 27.63 2.26 -29.89
CA ILE B 389 28.67 2.17 -28.88
C ILE B 389 30.07 2.01 -29.48
N ILE B 390 30.13 1.62 -30.76
CA ILE B 390 31.41 1.46 -31.44
C ILE B 390 31.85 2.83 -31.93
N GLU B 391 30.90 3.57 -32.49
CA GLU B 391 31.16 4.92 -32.99
C GLU B 391 31.63 5.80 -31.84
N VAL B 392 30.92 5.74 -30.71
CA VAL B 392 31.25 6.54 -29.54
C VAL B 392 32.54 6.08 -28.84
N GLY B 393 33.04 4.92 -29.23
CA GLY B 393 34.28 4.39 -28.66
C GLY B 393 34.30 4.17 -27.15
N VAL B 394 33.83 3.01 -26.73
CA VAL B 394 33.79 2.64 -25.32
C VAL B 394 34.45 1.26 -25.12
N1 PLP C . -11.30 6.58 8.72
C2 PLP C . -12.44 6.07 9.23
C2A PLP C . -13.13 6.80 10.38
C3 PLP C . -12.95 4.92 8.72
O3 PLP C . -14.10 4.41 9.23
C4 PLP C . -12.30 4.27 7.68
C4A PLP C . -12.83 3.11 7.15
C5 PLP C . -11.11 4.82 7.17
C6 PLP C . -10.64 5.97 7.70
C5A PLP C . -10.32 4.22 5.99
O4P PLP C . -10.48 2.85 5.63
P PLP C . -9.61 2.27 4.51
O1P PLP C . -10.12 2.70 3.22
O2P PLP C . -10.07 0.76 4.70
O3P PLP C . -8.17 2.46 4.79
S1 4TB D . -9.39 -0.36 8.59
C2 4TB D . -10.84 -0.71 9.52
C3 4TB D . -10.60 -1.55 10.55
C4 4TB D . -9.19 -1.95 10.64
C5 4TB D . -8.44 -1.40 9.66
C6 4TB D . -12.14 -0.08 9.15
C7 4TB D . -13.33 -0.65 9.90
C8 4TB D . -14.33 0.43 10.27
C9 4TB D . -14.68 0.40 11.74
O1 4TB D . -14.22 1.29 12.48
O2 4TB D . -15.37 -0.55 12.18
N1 PLP E . 14.41 -4.19 -6.29
C2 PLP E . 14.86 -4.25 -7.55
C2A PLP E . 16.34 -4.37 -7.79
C3 PLP E . 13.99 -4.22 -8.60
O3 PLP E . 14.49 -4.24 -9.88
C4 PLP E . 12.61 -4.12 -8.36
C4A PLP E . 11.69 -4.23 -9.41
C5 PLP E . 12.16 -4.04 -7.02
C6 PLP E . 13.08 -4.07 -6.00
C5A PLP E . 10.68 -3.87 -6.61
O4P PLP E . 9.69 -3.49 -7.57
P PLP E . 8.23 -3.28 -7.05
O1P PLP E . 7.56 -4.58 -6.90
O2P PLP E . 7.56 -2.72 -8.39
O3P PLP E . 8.23 -2.31 -5.91
S1 4TB F . 10.11 -0.02 -9.60
C2 4TB F . 11.11 0.95 -10.70
C3 4TB F . 11.52 2.10 -10.13
C4 4TB F . 11.04 2.23 -8.76
C5 4TB F . 10.29 1.19 -8.36
C6 4TB F . 11.36 0.48 -12.12
C7 4TB F . 11.85 -0.97 -12.23
C8 4TB F . 13.24 -1.19 -11.62
C9 4TB F . 14.36 -0.54 -12.41
O1 4TB F . 15.46 -0.35 -11.83
O2 4TB F . 14.17 -0.20 -13.60
#